data_6JBM
#
_entry.id   6JBM
#
_cell.length_a   48.326
_cell.length_b   104.020
_cell.length_c   93.381
_cell.angle_alpha   90.00
_cell.angle_beta   91.49
_cell.angle_gamma   90.00
#
_symmetry.space_group_name_H-M   'P 1 21 1'
#
loop_
_entity.id
_entity.type
_entity.pdbx_description
1 polymer 'Tripartite motif-containing protein 14'
2 non-polymer 'SULFATE ION'
3 water water
#
_entity_poly.entity_id   1
_entity_poly.type   'polypeptide(L)'
_entity_poly.pdbx_seq_one_letter_code
;TLLKTSPSPERSLLLKYARTPTLDPDTMHARLRLSADRLTVRCGLLGSLGPVPVLRFDALWQVLARDCFATGRHYWEVDV
QEAGAGWWVGAAYASLRRRGASAAARLGCNRQSWCLKRYDLEYWAFHDGQRSRLRPRDDLDRLGVFLDYEAGVLAFYDVT
GGMSHLHTFRATFQEPLYPALRLWEGAISIPRLPHHHHHH
;
_entity_poly.pdbx_strand_id   B,A,C,D
#
loop_
_chem_comp.id
_chem_comp.type
_chem_comp.name
_chem_comp.formula
SO4 non-polymer 'SULFATE ION' 'O4 S -2'
#
# COMPACT_ATOMS: atom_id res chain seq x y z
N PRO A 7 7.36 27.75 -24.17
CA PRO A 7 6.95 26.53 -24.86
C PRO A 7 5.45 26.28 -24.70
N SER A 8 4.72 25.99 -25.76
CA SER A 8 3.32 25.74 -25.56
C SER A 8 2.76 24.53 -26.29
N PRO A 9 3.14 23.32 -25.85
CA PRO A 9 2.56 22.20 -26.54
C PRO A 9 1.20 21.86 -25.99
N GLU A 10 0.45 21.20 -26.86
CA GLU A 10 -0.85 20.66 -26.60
C GLU A 10 -0.55 19.43 -25.72
N ARG A 11 -1.41 19.16 -24.77
CA ARG A 11 -1.22 18.04 -23.89
C ARG A 11 -1.21 16.73 -24.68
N SER A 12 -2.03 16.66 -25.73
CA SER A 12 -2.09 15.46 -26.56
C SER A 12 -0.76 15.19 -27.23
N LEU A 13 0.03 16.23 -27.47
CA LEU A 13 1.34 16.02 -28.04
C LEU A 13 2.29 15.39 -27.02
N LEU A 14 2.28 15.90 -25.78
CA LEU A 14 3.18 15.33 -24.77
C LEU A 14 2.73 13.93 -24.36
N LEU A 15 1.42 13.64 -24.36
CA LEU A 15 0.98 12.31 -24.01
C LEU A 15 1.50 11.26 -24.98
N LYS A 16 2.02 11.64 -26.14
CA LYS A 16 2.71 10.66 -26.98
C LYS A 16 3.91 10.04 -26.28
N TYR A 17 4.51 10.71 -25.29
CA TYR A 17 5.60 10.16 -24.49
C TYR A 17 5.12 9.74 -23.10
N ALA A 18 3.86 9.34 -22.97
CA ALA A 18 3.26 9.23 -21.65
C ALA A 18 3.84 8.05 -20.87
N ARG A 19 4.05 8.28 -19.58
CA ARG A 19 4.54 7.24 -18.69
C ARG A 19 3.78 7.34 -17.38
N THR A 20 3.77 6.23 -16.67
CA THR A 20 3.14 6.13 -15.36
C THR A 20 4.18 5.51 -14.44
N PRO A 21 5.16 6.29 -13.99
CA PRO A 21 6.21 5.72 -13.15
C PRO A 21 5.64 5.32 -11.79
N THR A 22 5.95 4.10 -11.36
CA THR A 22 5.54 3.63 -10.04
C THR A 22 6.56 4.07 -9.01
N LEU A 23 6.10 4.28 -7.77
CA LEU A 23 6.97 4.73 -6.69
C LEU A 23 7.61 3.53 -5.99
N ASP A 24 8.77 3.77 -5.36
CA ASP A 24 9.55 2.68 -4.81
C ASP A 24 9.40 2.66 -3.29
N PRO A 25 8.71 1.68 -2.71
CA PRO A 25 8.57 1.64 -1.25
C PRO A 25 9.89 1.43 -0.52
N ASP A 26 10.89 0.82 -1.14
CA ASP A 26 12.16 0.65 -0.44
C ASP A 26 12.89 1.97 -0.26
N THR A 27 12.49 3.01 -0.97
CA THR A 27 13.16 4.30 -0.79
C THR A 27 12.43 5.21 0.17
N MET A 28 11.16 4.96 0.45
CA MET A 28 10.33 5.99 1.07
C MET A 28 10.62 6.12 2.56
N HIS A 29 10.63 7.36 3.03
CA HIS A 29 10.76 7.64 4.44
C HIS A 29 9.77 6.78 5.23
N ALA A 30 10.19 6.41 6.45
CA ALA A 30 9.38 5.49 7.25
C ALA A 30 8.01 6.09 7.61
N ARG A 31 7.90 7.40 7.70
CA ARG A 31 6.59 7.96 8.01
C ARG A 31 5.64 7.89 6.82
N LEU A 32 6.15 7.59 5.64
CA LEU A 32 5.31 7.59 4.45
C LEU A 32 4.72 6.19 4.21
N ARG A 33 3.61 6.17 3.48
CA ARG A 33 2.92 4.95 3.10
C ARG A 33 2.59 4.99 1.61
N LEU A 34 2.57 3.82 1.00
CA LEU A 34 2.46 3.72 -0.45
C LEU A 34 1.26 2.87 -0.78
N SER A 35 0.41 3.38 -1.67
CA SER A 35 -0.82 2.66 -1.98
C SER A 35 -0.48 1.36 -2.71
N ALA A 36 -1.51 0.52 -2.88
CA ALA A 36 -1.26 -0.82 -3.39
C ALA A 36 -0.74 -0.77 -4.83
N ASP A 37 -1.30 0.09 -5.66
CA ASP A 37 -0.79 0.17 -7.02
C ASP A 37 0.52 0.96 -7.09
N ARG A 38 1.01 1.45 -5.95
CA ARG A 38 2.28 2.15 -5.83
C ARG A 38 2.31 3.45 -6.62
N LEU A 39 1.14 3.99 -6.94
CA LEU A 39 1.02 5.28 -7.59
C LEU A 39 0.64 6.41 -6.63
N THR A 40 0.32 6.09 -5.38
CA THR A 40 0.00 7.12 -4.39
C THR A 40 0.86 6.95 -3.17
N VAL A 41 1.53 8.03 -2.77
CA VAL A 41 2.27 8.09 -1.52
C VAL A 41 1.56 9.07 -0.61
N ARG A 42 1.49 8.72 0.68
CA ARG A 42 0.80 9.58 1.63
C ARG A 42 1.53 9.56 2.95
N CYS A 43 1.42 10.65 3.67
CA CYS A 43 1.97 10.73 5.01
C CYS A 43 1.12 9.89 5.95
N GLY A 44 1.75 9.02 6.69
CA GLY A 44 1.02 8.16 7.59
C GLY A 44 0.83 8.80 8.95
N LEU A 45 -0.14 8.28 9.69
CA LEU A 45 -0.33 8.77 11.06
C LEU A 45 0.91 8.53 11.92
N LEU A 46 1.66 7.45 11.65
CA LEU A 46 2.69 6.96 12.55
C LEU A 46 3.97 6.62 11.78
N GLY A 47 5.12 7.09 12.28
CA GLY A 47 6.40 6.80 11.64
C GLY A 47 6.97 5.46 12.04
N SER A 48 7.74 4.88 11.11
CA SER A 48 8.40 3.57 11.30
C SER A 48 7.41 2.50 11.80
N PRO A 53 16.50 -1.51 4.87
CA PRO A 53 16.27 -0.06 5.00
C PRO A 53 17.37 0.79 4.35
N VAL A 54 18.28 0.17 3.58
CA VAL A 54 19.48 0.86 3.14
C VAL A 54 19.16 1.91 2.09
N LEU A 55 18.21 1.61 1.22
CA LEU A 55 17.83 2.54 0.16
C LEU A 55 16.92 3.65 0.65
N ARG A 56 16.56 3.66 1.93
CA ARG A 56 15.45 4.48 2.40
C ARG A 56 15.89 5.85 2.91
N PHE A 57 15.06 6.86 2.73
CA PHE A 57 15.33 8.16 3.32
C PHE A 57 14.95 8.12 4.80
N ASP A 58 15.95 8.27 5.67
CA ASP A 58 15.76 8.37 7.12
C ASP A 58 15.16 9.67 7.70
N ALA A 59 15.62 10.81 7.19
CA ALA A 59 15.26 12.10 7.77
C ALA A 59 14.44 13.03 6.86
N LEU A 60 14.43 12.77 5.57
CA LEU A 60 13.60 13.56 4.67
C LEU A 60 12.38 12.73 4.26
N TRP A 61 11.24 13.39 4.11
CA TRP A 61 10.02 12.71 3.70
C TRP A 61 9.99 12.56 2.17
N GLN A 62 10.95 11.82 1.66
CA GLN A 62 11.12 11.69 0.22
C GLN A 62 10.91 10.25 -0.23
N VAL A 63 10.78 10.10 -1.54
CA VAL A 63 10.56 8.81 -2.18
C VAL A 63 10.97 8.95 -3.63
N LEU A 64 11.64 7.93 -4.17
CA LEU A 64 11.93 7.87 -5.60
C LEU A 64 11.00 6.89 -6.29
N ALA A 65 10.81 7.08 -7.59
CA ALA A 65 10.15 6.08 -8.40
C ALA A 65 11.00 4.80 -8.46
N ARG A 66 10.34 3.70 -8.78
CA ARG A 66 11.07 2.47 -9.08
C ARG A 66 11.67 2.50 -10.48
N ASP A 67 11.17 3.36 -11.36
CA ASP A 67 11.57 3.38 -12.76
C ASP A 67 12.34 4.66 -13.07
N CYS A 68 13.38 4.55 -13.88
CA CYS A 68 14.15 5.71 -14.28
C CYS A 68 14.19 5.80 -15.80
N PHE A 69 14.60 6.96 -16.29
CA PHE A 69 14.70 7.17 -17.71
C PHE A 69 16.15 7.46 -18.11
N ALA A 70 16.76 6.45 -18.72
CA ALA A 70 18.12 6.53 -19.26
C ALA A 70 18.33 7.42 -20.49
N THR A 71 17.38 7.39 -21.44
CA THR A 71 17.44 8.17 -22.68
C THR A 71 16.09 8.48 -23.30
N GLY A 72 16.09 9.37 -24.26
CA GLY A 72 14.89 9.72 -24.98
C GLY A 72 13.97 10.70 -24.31
N ARG A 73 12.75 10.76 -24.82
CA ARG A 73 11.72 11.67 -24.34
C ARG A 73 10.70 10.95 -23.48
N HIS A 74 10.37 11.54 -22.34
CA HIS A 74 9.41 10.93 -21.43
C HIS A 74 8.54 11.99 -20.80
N TYR A 75 7.27 11.67 -20.57
CA TYR A 75 6.32 12.60 -20.00
C TYR A 75 5.52 11.91 -18.91
N TRP A 76 5.44 12.54 -17.75
CA TRP A 76 4.58 12.02 -16.70
C TRP A 76 3.89 13.17 -16.00
N GLU A 77 2.89 12.83 -15.19
CA GLU A 77 2.17 13.87 -14.46
C GLU A 77 2.16 13.50 -12.99
N VAL A 78 1.97 14.52 -12.18
CA VAL A 78 1.97 14.39 -10.74
C VAL A 78 0.79 15.21 -10.24
N ASP A 79 -0.03 14.62 -9.39
CA ASP A 79 -1.21 15.31 -8.87
C ASP A 79 -0.98 15.70 -7.42
N VAL A 80 -1.01 17.01 -7.12
CA VAL A 80 -0.70 17.52 -5.80
C VAL A 80 -1.94 18.08 -5.10
N GLN A 81 -3.15 17.73 -5.56
CA GLN A 81 -4.37 18.31 -4.97
C GLN A 81 -4.52 17.97 -3.50
N GLU A 82 -4.12 16.76 -3.11
CA GLU A 82 -4.26 16.31 -1.75
C GLU A 82 -2.99 16.47 -0.97
N ALA A 83 -2.04 17.27 -1.48
CA ALA A 83 -0.74 17.43 -0.83
C ALA A 83 -0.70 18.63 0.09
N GLY A 84 -1.78 19.37 0.19
CA GLY A 84 -1.85 20.49 1.11
C GLY A 84 -0.97 21.62 0.63
N ALA A 85 -0.41 22.35 1.60
CA ALA A 85 0.24 23.63 1.35
C ALA A 85 1.73 23.51 1.10
N GLY A 86 2.30 22.31 1.10
CA GLY A 86 3.72 22.17 0.84
C GLY A 86 3.99 20.91 0.05
N TRP A 87 4.94 20.95 -0.88
CA TRP A 87 5.34 19.76 -1.64
C TRP A 87 6.54 20.09 -2.49
N TRP A 88 7.31 19.06 -2.82
CA TRP A 88 8.40 19.15 -3.78
C TRP A 88 8.21 18.03 -4.80
N VAL A 89 8.39 18.36 -6.08
CA VAL A 89 8.10 17.44 -7.17
C VAL A 89 9.19 17.63 -8.23
N GLY A 90 9.89 16.54 -8.56
CA GLY A 90 10.89 16.67 -9.60
C GLY A 90 11.47 15.37 -10.06
N ALA A 91 12.79 15.37 -10.17
CA ALA A 91 13.53 14.22 -10.67
C ALA A 91 14.93 14.28 -10.07
N ALA A 92 15.53 13.12 -9.87
CA ALA A 92 16.85 13.03 -9.27
C ALA A 92 17.62 11.85 -9.83
N TYR A 93 18.93 11.97 -9.88
CA TYR A 93 19.77 10.82 -10.13
C TYR A 93 19.65 9.85 -8.97
N ALA A 94 20.03 8.60 -9.22
CA ALA A 94 20.02 7.64 -8.11
C ALA A 94 21.10 7.98 -7.10
N SER A 95 22.13 8.72 -7.49
CA SER A 95 23.23 9.08 -6.60
C SER A 95 22.84 10.11 -5.56
N LEU A 96 21.59 10.58 -5.56
CA LEU A 96 21.11 11.42 -4.47
C LEU A 96 21.29 10.67 -3.15
N ARG A 97 21.87 11.33 -2.16
CA ARG A 97 22.08 10.71 -0.86
C ARG A 97 20.75 10.42 -0.20
N ARG A 98 20.64 9.26 0.42
CA ARG A 98 19.38 8.85 1.02
C ARG A 98 19.27 9.11 2.53
N ARG A 99 20.39 9.35 3.18
CA ARG A 99 20.37 9.46 4.63
C ARG A 99 20.77 10.85 5.13
N GLY A 100 20.03 11.35 6.12
CA GLY A 100 20.31 12.66 6.67
C GLY A 100 19.49 13.74 5.99
N ALA A 101 19.67 14.97 6.50
CA ALA A 101 18.98 16.13 5.98
C ALA A 101 19.91 17.11 5.26
N SER A 102 21.10 16.65 4.88
CA SER A 102 22.07 17.50 4.19
C SER A 102 21.55 17.94 2.83
N ALA A 103 22.18 18.99 2.28
CA ALA A 103 21.76 19.48 0.97
C ALA A 103 21.96 18.44 -0.13
N ALA A 104 22.87 17.48 0.08
CA ALA A 104 23.06 16.41 -0.90
C ALA A 104 21.92 15.41 -0.90
N ALA A 105 21.08 15.43 0.12
CA ALA A 105 19.91 14.57 0.20
C ALA A 105 18.57 15.24 -0.10
N ARG A 106 18.46 16.55 0.05
CA ARG A 106 17.19 17.22 -0.21
C ARG A 106 17.07 17.52 -1.69
N LEU A 107 15.89 17.23 -2.24
CA LEU A 107 15.61 17.42 -3.65
C LEU A 107 15.80 18.86 -4.08
N GLY A 108 16.48 19.11 -5.19
CA GLY A 108 16.57 20.47 -5.69
C GLY A 108 17.63 21.32 -5.01
N CYS A 109 18.29 20.75 -4.01
CA CYS A 109 19.36 21.44 -3.29
C CYS A 109 20.75 20.97 -3.70
N ASN A 110 20.85 20.36 -4.86
CA ASN A 110 22.11 19.80 -5.33
C ASN A 110 22.17 19.61 -6.84
N ARG A 111 23.33 19.17 -7.29
CA ARG A 111 23.61 18.89 -8.70
C ARG A 111 22.86 17.68 -9.25
N GLN A 112 22.46 16.77 -8.38
CA GLN A 112 21.78 15.55 -8.77
C GLN A 112 20.25 15.59 -8.81
N SER A 113 19.61 16.74 -8.62
CA SER A 113 18.15 16.76 -8.57
C SER A 113 17.60 18.11 -8.99
N TRP A 114 16.39 18.10 -9.51
CA TRP A 114 15.68 19.27 -10.01
C TRP A 114 14.26 19.19 -9.48
N CYS A 115 13.71 20.30 -9.00
CA CYS A 115 12.32 20.19 -8.58
C CYS A 115 11.60 21.53 -8.62
N LEU A 116 10.29 21.45 -8.59
CA LEU A 116 9.42 22.58 -8.27
C LEU A 116 8.95 22.37 -6.84
N LYS A 117 8.74 23.46 -6.14
CA LYS A 117 8.33 23.43 -4.75
C LYS A 117 7.24 24.43 -4.45
N ARG A 118 6.28 24.05 -3.62
CA ARG A 118 5.27 24.96 -3.12
C ARG A 118 5.50 25.19 -1.63
N TYR A 119 5.61 26.44 -1.24
CA TYR A 119 5.76 26.78 0.16
C TYR A 119 4.67 27.77 0.52
N ASP A 120 3.60 27.29 1.14
CA ASP A 120 2.45 28.14 1.44
C ASP A 120 1.87 28.74 0.16
N LEU A 121 1.81 30.06 0.12
CA LEU A 121 1.44 30.82 -1.06
C LEU A 121 2.41 30.70 -2.24
N GLU A 122 3.70 30.61 -1.93
CA GLU A 122 4.80 30.59 -2.91
C GLU A 122 5.04 29.32 -3.75
N TYR A 123 5.62 29.51 -4.92
CA TYR A 123 6.06 28.44 -5.79
C TYR A 123 7.49 28.77 -6.29
N TRP A 124 8.35 27.76 -6.38
CA TRP A 124 9.75 27.91 -6.72
C TRP A 124 10.22 26.72 -7.56
N ALA A 125 11.21 26.97 -8.41
CA ALA A 125 12.00 25.95 -9.09
C ALA A 125 13.39 25.94 -8.47
N PHE A 126 13.85 24.76 -8.04
CA PHE A 126 15.13 24.59 -7.35
C PHE A 126 16.05 23.69 -8.15
N HIS A 127 17.31 24.05 -8.19
CA HIS A 127 18.37 23.17 -8.70
C HIS A 127 19.73 23.55 -8.11
N ASP A 128 20.34 22.67 -7.31
CA ASP A 128 21.65 22.97 -6.72
C ASP A 128 21.45 24.30 -5.98
N GLY A 129 22.33 25.26 -6.22
CA GLY A 129 22.19 26.57 -5.63
C GLY A 129 21.00 27.38 -6.11
N GLN A 130 20.73 27.32 -7.41
CA GLN A 130 19.69 28.12 -8.04
C GLN A 130 18.26 27.98 -7.56
N ARG A 131 17.61 29.12 -7.43
CA ARG A 131 16.20 29.19 -7.10
C ARG A 131 15.55 30.26 -8.01
N SER A 132 14.44 29.91 -8.62
CA SER A 132 13.69 30.83 -9.45
C SER A 132 12.24 30.88 -8.97
N ARG A 133 11.70 32.06 -8.75
CA ARG A 133 10.32 32.12 -8.29
C ARG A 133 9.35 32.02 -9.46
N LEU A 134 8.21 31.38 -9.20
CA LEU A 134 7.16 31.19 -10.20
C LEU A 134 5.87 31.87 -9.72
N ARG A 135 4.99 32.14 -10.68
CA ARG A 135 3.76 32.89 -10.44
C ARG A 135 2.58 32.32 -11.21
N PRO A 136 2.13 31.13 -10.84
CA PRO A 136 0.93 30.59 -11.50
C PRO A 136 -0.31 31.40 -11.11
N ARG A 137 -1.29 31.43 -12.02
CA ARG A 137 -2.54 32.12 -11.68
C ARG A 137 -3.26 31.44 -10.53
N ASP A 138 -3.30 30.11 -10.52
CA ASP A 138 -4.03 29.38 -9.49
C ASP A 138 -3.06 28.49 -8.74
N ASP A 139 -3.49 28.01 -7.59
CA ASP A 139 -2.73 26.98 -6.93
C ASP A 139 -2.59 25.76 -7.84
N LEU A 140 -1.43 25.13 -7.78
CA LEU A 140 -1.17 24.02 -8.67
C LEU A 140 -1.95 22.79 -8.22
N ASP A 141 -2.36 22.01 -9.22
CA ASP A 141 -3.27 20.88 -9.06
C ASP A 141 -2.65 19.66 -9.74
N ARG A 142 -2.53 19.71 -11.06
CA ARG A 142 -1.89 18.66 -11.85
C ARG A 142 -0.66 19.28 -12.51
N LEU A 143 0.51 18.71 -12.23
CA LEU A 143 1.76 19.09 -12.85
C LEU A 143 2.08 18.12 -13.96
N GLY A 144 2.73 18.61 -15.00
CA GLY A 144 3.33 17.75 -16.01
C GLY A 144 4.83 17.96 -16.03
N VAL A 145 5.57 16.87 -16.22
CA VAL A 145 7.03 16.89 -16.26
C VAL A 145 7.46 16.25 -17.57
N PHE A 146 8.16 17.01 -18.40
CA PHE A 146 8.62 16.52 -19.70
C PHE A 146 10.13 16.40 -19.69
N LEU A 147 10.64 15.21 -19.94
CA LEU A 147 12.07 14.97 -20.04
C LEU A 147 12.43 14.71 -21.50
N ASP A 148 13.51 15.35 -21.93
CA ASP A 148 14.13 15.05 -23.21
C ASP A 148 15.58 14.91 -22.77
N TYR A 149 16.04 13.69 -22.56
CA TYR A 149 17.37 13.44 -22.04
C TYR A 149 18.52 13.94 -22.93
N GLU A 150 18.43 13.64 -24.22
CA GLU A 150 19.45 14.05 -25.16
C GLU A 150 19.55 15.55 -25.29
N ALA A 151 18.39 16.20 -25.25
CA ALA A 151 18.33 17.64 -25.34
C ALA A 151 18.63 18.36 -24.02
N GLY A 152 18.74 17.61 -22.93
CA GLY A 152 18.97 18.21 -21.63
C GLY A 152 17.87 19.15 -21.19
N VAL A 153 16.63 18.71 -21.32
CA VAL A 153 15.45 19.51 -20.98
C VAL A 153 14.63 18.75 -19.94
N LEU A 154 14.27 19.45 -18.86
CA LEU A 154 13.33 18.96 -17.85
C LEU A 154 12.32 20.08 -17.71
N ALA A 155 11.18 19.96 -18.38
CA ALA A 155 10.21 21.03 -18.44
C ALA A 155 9.02 20.69 -17.56
N PHE A 156 8.48 21.71 -16.87
CA PHE A 156 7.37 21.58 -15.95
C PHE A 156 6.18 22.41 -16.42
N TYR A 157 4.98 21.81 -16.37
CA TYR A 157 3.76 22.40 -16.86
C TYR A 157 2.70 22.44 -15.76
N ASP A 158 1.91 23.52 -15.79
CA ASP A 158 0.70 23.68 -15.00
C ASP A 158 -0.41 23.12 -15.87
N VAL A 159 -0.65 21.81 -15.80
CA VAL A 159 -1.54 21.25 -16.81
C VAL A 159 -2.99 21.64 -16.53
N THR A 160 -3.38 21.69 -15.26
CA THR A 160 -4.76 22.09 -14.93
C THR A 160 -5.07 23.48 -15.48
N GLY A 161 -4.11 24.38 -15.42
CA GLY A 161 -4.31 25.70 -16.01
C GLY A 161 -4.06 25.74 -17.51
N GLY A 162 -4.63 24.79 -18.25
CA GLY A 162 -4.50 24.76 -19.70
C GLY A 162 -3.10 24.51 -20.24
N MET A 163 -2.35 23.59 -19.63
CA MET A 163 -0.98 23.28 -20.07
C MET A 163 -0.10 24.52 -20.10
N SER A 164 -0.18 25.32 -19.05
CA SER A 164 0.63 26.53 -18.97
C SER A 164 2.06 26.16 -18.54
N HIS A 165 3.05 26.69 -19.25
CA HIS A 165 4.42 26.36 -18.90
C HIS A 165 4.82 27.05 -17.62
N LEU A 166 5.50 26.31 -16.74
CA LEU A 166 5.99 26.87 -15.48
C LEU A 166 7.49 27.14 -15.53
N HIS A 167 8.27 26.13 -15.90
CA HIS A 167 9.71 26.30 -15.81
C HIS A 167 10.39 25.18 -16.58
N THR A 168 11.47 25.52 -17.29
CA THR A 168 12.30 24.52 -17.96
C THR A 168 13.69 24.59 -17.38
N PHE A 169 14.17 23.45 -16.90
CA PHE A 169 15.56 23.28 -16.53
C PHE A 169 16.36 22.82 -17.73
N ARG A 170 17.60 23.29 -17.81
CA ARG A 170 18.55 22.85 -18.81
C ARG A 170 19.76 22.27 -18.10
N ALA A 171 20.21 21.11 -18.56
CA ALA A 171 21.37 20.43 -18.02
C ALA A 171 21.93 19.56 -19.12
N THR A 172 23.08 18.96 -18.85
CA THR A 172 23.60 17.87 -19.66
C THR A 172 23.58 16.65 -18.75
N PHE A 173 22.61 15.77 -18.97
CA PHE A 173 22.35 14.69 -18.04
C PHE A 173 23.42 13.61 -18.14
N GLN A 174 23.88 13.13 -16.97
CA GLN A 174 24.97 12.17 -16.89
C GLN A 174 24.54 10.80 -16.37
N GLU A 175 23.30 10.66 -15.92
CA GLU A 175 22.79 9.46 -15.29
C GLU A 175 21.29 9.36 -15.59
N PRO A 176 20.69 8.19 -15.39
CA PRO A 176 19.23 8.10 -15.52
C PRO A 176 18.51 8.95 -14.48
N LEU A 177 17.39 9.53 -14.89
CA LEU A 177 16.58 10.38 -14.04
C LEU A 177 15.43 9.57 -13.44
N TYR A 178 15.25 9.68 -12.12
CA TYR A 178 14.15 9.06 -11.40
C TYR A 178 13.13 10.12 -11.05
N PRO A 179 11.84 9.96 -11.37
CA PRO A 179 10.83 10.83 -10.76
C PRO A 179 10.97 10.81 -9.24
N ALA A 180 10.84 11.98 -8.60
CA ALA A 180 11.11 12.08 -7.17
C ALA A 180 10.15 13.08 -6.52
N LEU A 181 9.83 12.82 -5.25
CA LEU A 181 8.84 13.59 -4.51
C LEU A 181 9.30 13.79 -3.08
N ARG A 182 8.90 14.92 -2.51
CA ARG A 182 9.02 15.16 -1.09
C ARG A 182 7.68 15.68 -0.62
N LEU A 183 7.19 15.12 0.48
CA LEU A 183 5.89 15.51 1.01
C LEU A 183 6.06 16.36 2.26
N TRP A 184 5.21 17.38 2.35
CA TRP A 184 4.97 18.08 3.59
C TRP A 184 3.82 17.47 4.39
N GLU A 185 2.81 16.95 3.70
CA GLU A 185 1.53 16.65 4.31
C GLU A 185 0.65 16.02 3.24
N GLY A 186 -0.36 15.28 3.68
CA GLY A 186 -1.33 14.72 2.77
C GLY A 186 -0.75 13.66 1.86
N ALA A 187 -1.09 13.76 0.57
CA ALA A 187 -0.76 12.69 -0.37
C ALA A 187 -0.41 13.28 -1.73
N ILE A 188 0.42 12.55 -2.46
CA ILE A 188 0.76 12.86 -3.85
C ILE A 188 0.55 11.60 -4.68
N SER A 189 -0.06 11.74 -5.84
CA SER A 189 -0.29 10.56 -6.67
C SER A 189 0.21 10.81 -8.10
N ILE A 190 0.59 9.71 -8.75
CA ILE A 190 1.01 9.72 -10.13
C ILE A 190 -0.15 9.20 -10.96
N PRO A 191 -0.83 10.06 -11.70
CA PRO A 191 -1.99 9.61 -12.46
C PRO A 191 -1.61 8.60 -13.54
N ARG A 192 -2.45 7.60 -13.77
CA ARG A 192 -2.26 6.71 -14.90
C ARG A 192 -2.47 7.53 -16.16
N LEU A 193 -1.58 7.45 -17.13
CA LEU A 193 -1.75 8.23 -18.35
C LEU A 193 -2.10 7.32 -19.50
N PRO A 194 -2.92 7.77 -20.44
CA PRO A 194 -3.40 6.86 -21.48
C PRO A 194 -2.28 6.27 -22.33
N HIS A 195 -2.43 5.00 -22.71
CA HIS A 195 -1.53 4.33 -23.62
C HIS A 195 -1.67 4.83 -25.05
N HIS A 196 -0.61 4.64 -25.82
CA HIS A 196 -0.53 5.14 -27.18
C HIS A 196 -1.65 4.59 -28.04
N HIS A 197 -2.12 5.42 -28.97
CA HIS A 197 -3.14 5.00 -29.90
C HIS A 197 -2.53 3.88 -30.72
N HIS A 198 -3.32 2.88 -31.07
CA HIS A 198 -2.81 1.83 -31.93
C HIS A 198 -3.08 2.09 -33.40
N SER B 8 1.02 -25.68 -8.40
CA SER B 8 0.78 -24.24 -8.44
C SER B 8 -0.48 -23.89 -9.20
N PRO B 9 -1.48 -23.33 -8.50
CA PRO B 9 -2.68 -22.94 -9.21
C PRO B 9 -2.33 -21.78 -10.09
N GLU B 10 -1.44 -20.86 -9.68
CA GLU B 10 -1.08 -19.79 -10.60
C GLU B 10 -0.33 -20.32 -11.82
N ARG B 11 0.58 -21.26 -11.63
CA ARG B 11 1.27 -21.81 -12.79
C ARG B 11 0.29 -22.54 -13.70
N SER B 12 -0.65 -23.28 -13.12
CA SER B 12 -1.67 -23.96 -13.91
C SER B 12 -2.53 -22.95 -14.66
N LEU B 13 -2.84 -21.82 -14.03
CA LEU B 13 -3.56 -20.76 -14.69
C LEU B 13 -2.72 -20.26 -15.87
N LEU B 14 -1.45 -19.90 -15.65
CA LEU B 14 -0.65 -19.45 -16.79
C LEU B 14 -0.61 -20.52 -17.89
N LEU B 15 -0.44 -21.78 -17.49
CA LEU B 15 -0.24 -22.82 -18.48
C LEU B 15 -1.47 -23.07 -19.34
N LYS B 16 -2.64 -22.54 -18.96
CA LYS B 16 -3.78 -22.62 -19.86
C LYS B 16 -3.49 -21.96 -21.21
N TYR B 17 -2.46 -21.12 -21.29
CA TYR B 17 -2.04 -20.47 -22.53
C TYR B 17 -0.65 -20.94 -22.98
N ALA B 18 -0.24 -22.13 -22.58
CA ALA B 18 1.14 -22.56 -22.76
C ALA B 18 1.57 -22.50 -24.23
N ARG B 19 2.79 -22.03 -24.44
CA ARG B 19 3.44 -22.05 -25.75
C ARG B 19 4.86 -22.57 -25.57
N THR B 20 5.36 -23.22 -26.61
CA THR B 20 6.72 -23.73 -26.66
C THR B 20 7.35 -23.12 -27.92
N PRO B 21 7.86 -21.90 -27.82
CA PRO B 21 8.29 -21.16 -29.02
C PRO B 21 9.63 -21.66 -29.50
N THR B 22 9.64 -22.35 -30.64
CA THR B 22 10.87 -22.74 -31.28
C THR B 22 11.61 -21.51 -31.79
N LEU B 23 12.93 -21.58 -31.77
CA LEU B 23 13.76 -20.44 -32.17
C LEU B 23 14.09 -20.52 -33.66
N ASP B 24 14.30 -19.35 -34.27
CA ASP B 24 14.46 -19.22 -35.70
C ASP B 24 15.95 -19.18 -36.04
N PRO B 25 16.53 -20.25 -36.56
CA PRO B 25 17.97 -20.23 -36.86
C PRO B 25 18.35 -19.25 -37.95
N ASP B 26 17.42 -18.85 -38.83
CA ASP B 26 17.76 -17.86 -39.85
C ASP B 26 18.07 -16.48 -39.23
N THR B 27 17.64 -16.24 -37.98
CA THR B 27 17.87 -14.95 -37.34
C THR B 27 19.10 -14.93 -36.46
N MET B 28 19.54 -16.09 -35.96
CA MET B 28 20.47 -16.09 -34.85
C MET B 28 21.89 -15.74 -35.30
N HIS B 29 22.62 -15.07 -34.40
CA HIS B 29 23.97 -14.62 -34.71
C HIS B 29 24.85 -15.83 -35.03
N ALA B 30 25.86 -15.61 -35.88
CA ALA B 30 26.73 -16.70 -36.30
C ALA B 30 27.51 -17.34 -35.17
N ARG B 31 27.69 -16.63 -34.06
CA ARG B 31 28.39 -17.22 -32.93
C ARG B 31 27.49 -18.20 -32.18
N LEU B 32 26.18 -18.09 -32.37
CA LEU B 32 25.22 -18.92 -31.66
C LEU B 32 25.01 -20.26 -32.37
N ARG B 33 24.60 -21.26 -31.58
CA ARG B 33 24.17 -22.57 -32.08
C ARG B 33 22.84 -22.96 -31.47
N LEU B 34 22.02 -23.63 -32.28
CA LEU B 34 20.67 -24.03 -31.95
C LEU B 34 20.61 -25.55 -31.94
N SER B 35 20.02 -26.10 -30.87
CA SER B 35 19.88 -27.54 -30.78
C SER B 35 18.92 -28.03 -31.85
N ALA B 36 18.92 -29.35 -32.09
CA ALA B 36 18.15 -29.92 -33.19
C ALA B 36 16.65 -29.68 -33.02
N ASP B 37 16.17 -29.65 -31.78
CA ASP B 37 14.76 -29.37 -31.56
C ASP B 37 14.44 -27.89 -31.59
N ARG B 38 15.41 -27.05 -31.94
CA ARG B 38 15.25 -25.58 -32.02
C ARG B 38 14.75 -24.95 -30.71
N LEU B 39 14.95 -25.64 -29.59
CA LEU B 39 14.53 -25.13 -28.29
C LEU B 39 15.68 -24.72 -27.38
N THR B 40 16.93 -25.10 -27.69
CA THR B 40 18.05 -24.64 -26.90
C THR B 40 19.02 -23.88 -27.79
N VAL B 41 19.38 -22.66 -27.37
CA VAL B 41 20.36 -21.85 -28.07
C VAL B 41 21.57 -21.67 -27.15
N ARG B 42 22.77 -21.80 -27.72
CA ARG B 42 24.01 -21.71 -26.95
C ARG B 42 25.06 -20.95 -27.73
N CYS B 43 26.06 -20.45 -27.01
CA CYS B 43 27.18 -19.79 -27.67
C CYS B 43 28.20 -20.83 -28.10
N GLY B 44 28.51 -20.85 -29.40
CA GLY B 44 29.61 -21.68 -29.88
C GLY B 44 30.97 -21.07 -29.56
N LEU B 45 32.02 -21.91 -29.68
CA LEU B 45 33.37 -21.43 -29.49
C LEU B 45 33.76 -20.42 -30.55
N LEU B 46 33.27 -20.63 -31.78
CA LEU B 46 33.78 -19.94 -32.96
C LEU B 46 32.65 -19.14 -33.60
N GLY B 47 32.82 -17.83 -33.66
CA GLY B 47 31.90 -16.99 -34.40
C GLY B 47 32.03 -17.27 -35.89
N SER B 48 30.90 -17.21 -36.58
CA SER B 48 30.79 -17.62 -37.98
C SER B 48 31.12 -19.09 -38.15
N PRO B 53 22.12 -14.18 -44.34
CA PRO B 53 22.65 -13.16 -43.44
C PRO B 53 21.87 -11.84 -43.43
N VAL B 54 20.84 -11.70 -44.27
CA VAL B 54 20.10 -10.44 -44.35
C VAL B 54 19.15 -10.30 -43.17
N LEU B 55 18.42 -11.36 -42.85
CA LEU B 55 17.61 -11.39 -41.64
C LEU B 55 18.45 -11.55 -40.38
N ARG B 56 19.71 -11.92 -40.52
CA ARG B 56 20.47 -12.42 -39.39
C ARG B 56 21.17 -11.28 -38.66
N PHE B 57 21.11 -11.34 -37.34
CA PHE B 57 21.79 -10.37 -36.50
C PHE B 57 23.28 -10.33 -36.84
N ASP B 58 23.74 -9.12 -37.19
CA ASP B 58 25.11 -8.85 -37.60
C ASP B 58 26.08 -8.94 -36.43
N ALA B 59 25.73 -8.31 -35.32
CA ALA B 59 26.71 -7.92 -34.32
C ALA B 59 26.30 -8.23 -32.91
N LEU B 60 25.01 -8.41 -32.62
CA LEU B 60 24.55 -8.79 -31.29
C LEU B 60 24.17 -10.26 -31.29
N TRP B 61 24.44 -10.93 -30.17
CA TRP B 61 24.21 -12.36 -30.01
C TRP B 61 22.73 -12.58 -29.68
N GLN B 62 21.87 -12.25 -30.65
CA GLN B 62 20.44 -12.34 -30.50
C GLN B 62 19.84 -13.37 -31.46
N VAL B 63 18.62 -13.79 -31.11
CA VAL B 63 17.83 -14.69 -31.93
C VAL B 63 16.37 -14.43 -31.59
N LEU B 64 15.50 -14.64 -32.58
CA LEU B 64 14.06 -14.50 -32.45
C LEU B 64 13.38 -15.85 -32.60
N ALA B 65 12.17 -15.96 -32.07
CA ALA B 65 11.41 -17.16 -32.28
C ALA B 65 10.96 -17.23 -33.74
N ARG B 66 10.56 -18.44 -34.14
CA ARG B 66 9.96 -18.62 -35.46
C ARG B 66 8.58 -17.99 -35.51
N ASP B 67 7.75 -18.25 -34.51
CA ASP B 67 6.36 -17.80 -34.47
C ASP B 67 6.19 -16.50 -33.68
N CYS B 68 5.31 -15.64 -34.16
CA CYS B 68 4.98 -14.41 -33.46
C CYS B 68 3.54 -14.45 -32.96
N PHE B 69 3.20 -13.46 -32.13
CA PHE B 69 1.91 -13.38 -31.47
C PHE B 69 1.25 -12.05 -31.83
N ALA B 70 0.07 -12.12 -32.46
CA ALA B 70 -0.62 -10.93 -32.92
C ALA B 70 -1.82 -10.55 -32.07
N THR B 71 -2.31 -11.45 -31.21
CA THR B 71 -3.55 -11.23 -30.49
C THR B 71 -3.61 -12.20 -29.32
N GLY B 72 -4.53 -11.94 -28.39
CA GLY B 72 -4.82 -12.94 -27.37
C GLY B 72 -3.68 -13.15 -26.38
N ARG B 73 -3.85 -14.15 -25.53
CA ARG B 73 -2.98 -14.38 -24.38
C ARG B 73 -2.04 -15.54 -24.65
N HIS B 74 -0.80 -15.41 -24.18
CA HIS B 74 0.18 -16.47 -24.38
C HIS B 74 1.10 -16.52 -23.19
N TYR B 75 1.65 -17.71 -22.94
CA TYR B 75 2.60 -17.93 -21.86
C TYR B 75 3.73 -18.86 -22.30
N TRP B 76 4.97 -18.44 -22.10
CA TRP B 76 6.08 -19.36 -22.31
C TRP B 76 7.10 -19.21 -21.19
N GLU B 77 8.00 -20.18 -21.10
CA GLU B 77 9.04 -20.13 -20.09
C GLU B 77 10.40 -20.15 -20.74
N VAL B 78 11.37 -19.57 -20.04
CA VAL B 78 12.74 -19.43 -20.51
C VAL B 78 13.67 -19.81 -19.37
N ASP B 79 14.58 -20.72 -19.65
CA ASP B 79 15.41 -21.33 -18.61
C ASP B 79 16.80 -20.74 -18.76
N VAL B 80 17.24 -19.98 -17.76
CA VAL B 80 18.51 -19.27 -17.82
C VAL B 80 19.54 -19.89 -16.88
N GLN B 81 19.32 -21.13 -16.44
CA GLN B 81 20.17 -21.72 -15.42
C GLN B 81 21.56 -22.08 -15.96
N GLU B 82 21.68 -22.32 -17.26
CA GLU B 82 22.97 -22.52 -17.90
C GLU B 82 23.47 -21.26 -18.58
N ALA B 83 22.86 -20.10 -18.29
CA ALA B 83 23.15 -18.89 -19.06
C ALA B 83 24.23 -18.03 -18.42
N GLY B 84 24.76 -18.44 -17.28
CA GLY B 84 25.89 -17.73 -16.70
C GLY B 84 25.51 -16.37 -16.17
N ALA B 85 26.45 -15.44 -16.28
CA ALA B 85 26.38 -14.17 -15.57
C ALA B 85 25.59 -13.10 -16.32
N GLY B 86 25.13 -13.40 -17.53
CA GLY B 86 24.48 -12.38 -18.34
C GLY B 86 23.46 -12.97 -19.29
N TRP B 87 22.34 -12.29 -19.45
CA TRP B 87 21.35 -12.71 -20.43
C TRP B 87 20.33 -11.59 -20.62
N TRP B 88 19.63 -11.65 -21.75
CA TRP B 88 18.49 -10.78 -22.02
C TRP B 88 17.36 -11.67 -22.48
N VAL B 89 16.21 -11.60 -21.83
CA VAL B 89 15.04 -12.38 -22.21
C VAL B 89 13.87 -11.43 -22.41
N GLY B 90 13.22 -11.50 -23.56
CA GLY B 90 12.02 -10.71 -23.76
C GLY B 90 11.26 -10.97 -25.04
N ALA B 91 10.83 -9.88 -25.68
CA ALA B 91 9.99 -9.99 -26.86
C ALA B 91 10.22 -8.76 -27.72
N ALA B 92 10.07 -8.94 -29.03
CA ALA B 92 10.33 -7.86 -29.97
C ALA B 92 9.44 -8.00 -31.21
N TYR B 93 9.13 -6.87 -31.83
CA TYR B 93 8.55 -6.85 -33.17
C TYR B 93 9.57 -7.35 -34.19
N ALA B 94 9.07 -7.82 -35.34
CA ALA B 94 9.96 -8.16 -36.45
C ALA B 94 10.75 -6.95 -36.95
N SER B 95 10.23 -5.74 -36.77
CA SER B 95 10.91 -4.53 -37.21
C SER B 95 12.17 -4.21 -36.43
N LEU B 96 12.44 -4.93 -35.32
CA LEU B 96 13.70 -4.77 -34.60
C LEU B 96 14.86 -4.87 -35.56
N ARG B 97 15.76 -3.90 -35.49
CA ARG B 97 16.88 -3.85 -36.41
C ARG B 97 17.80 -5.04 -36.18
N ARG B 98 18.39 -5.54 -37.26
CA ARG B 98 19.30 -6.68 -37.18
C ARG B 98 20.76 -6.33 -37.37
N ARG B 99 21.08 -5.19 -37.98
CA ARG B 99 22.46 -4.83 -38.32
C ARG B 99 23.04 -3.85 -37.31
N GLY B 100 24.27 -4.12 -36.86
CA GLY B 100 24.97 -3.24 -35.96
C GLY B 100 24.54 -3.43 -34.51
N ALA B 101 25.24 -2.73 -33.62
CA ALA B 101 24.97 -2.82 -32.19
C ALA B 101 24.30 -1.56 -31.63
N SER B 102 23.67 -0.75 -32.50
CA SER B 102 23.03 0.48 -32.08
C SER B 102 21.77 0.17 -31.27
N ALA B 103 21.22 1.21 -30.63
CA ALA B 103 20.09 0.97 -29.76
C ALA B 103 18.88 0.44 -30.52
N ALA B 104 18.79 0.70 -31.82
CA ALA B 104 17.65 0.23 -32.59
C ALA B 104 17.72 -1.26 -32.82
N ALA B 105 18.90 -1.85 -32.62
CA ALA B 105 19.07 -3.30 -32.74
C ALA B 105 19.08 -4.07 -31.42
N ARG B 106 19.51 -3.42 -30.34
CA ARG B 106 19.64 -4.10 -29.06
C ARG B 106 18.31 -4.38 -28.38
N LEU B 107 18.15 -5.59 -27.88
CA LEU B 107 16.89 -5.99 -27.27
C LEU B 107 16.64 -5.12 -26.06
N GLY B 108 15.45 -4.53 -26.01
CA GLY B 108 15.05 -3.66 -24.94
C GLY B 108 15.48 -2.21 -25.03
N CYS B 109 16.20 -1.84 -26.07
CA CYS B 109 16.75 -0.49 -26.16
C CYS B 109 16.01 0.46 -27.10
N ASN B 110 14.78 0.10 -27.44
CA ASN B 110 14.02 0.78 -28.47
C ASN B 110 12.53 0.59 -28.28
N ARG B 111 11.75 1.23 -29.13
CA ARG B 111 10.30 1.11 -29.13
C ARG B 111 9.85 -0.34 -29.38
N GLN B 112 10.60 -1.06 -30.19
CA GLN B 112 10.19 -2.35 -30.75
C GLN B 112 10.43 -3.55 -29.85
N SER B 113 11.06 -3.41 -28.69
CA SER B 113 11.36 -4.61 -27.92
C SER B 113 11.41 -4.31 -26.42
N TRP B 114 11.10 -5.35 -25.64
CA TRP B 114 11.09 -5.36 -24.18
C TRP B 114 11.95 -6.52 -23.71
N CYS B 115 12.68 -6.36 -22.61
CA CYS B 115 13.37 -7.53 -22.06
C CYS B 115 13.70 -7.31 -20.60
N LEU B 116 13.91 -8.42 -19.89
CA LEU B 116 14.66 -8.44 -18.64
C LEU B 116 16.08 -8.85 -18.95
N LYS B 117 17.00 -8.33 -18.16
CA LYS B 117 18.42 -8.51 -18.38
C LYS B 117 19.08 -8.83 -17.05
N ARG B 118 20.03 -9.74 -17.08
CA ARG B 118 20.88 -9.95 -15.93
C ARG B 118 22.27 -9.54 -16.33
N TYR B 119 22.90 -8.74 -15.48
CA TYR B 119 24.29 -8.40 -15.63
C TYR B 119 24.97 -8.69 -14.29
N ASP B 120 25.75 -9.75 -14.23
CA ASP B 120 26.42 -10.13 -13.00
C ASP B 120 25.40 -10.33 -11.89
N LEU B 121 25.54 -9.61 -10.80
CA LEU B 121 24.55 -9.62 -9.73
C LEU B 121 23.24 -8.88 -10.00
N GLU B 122 23.22 -7.99 -10.99
CA GLU B 122 22.12 -7.05 -11.21
C GLU B 122 21.08 -7.61 -12.16
N TYR B 123 19.81 -7.29 -11.89
CA TYR B 123 18.68 -7.60 -12.76
C TYR B 123 17.95 -6.30 -13.12
N TRP B 124 17.53 -6.21 -14.38
CA TRP B 124 16.92 -5.00 -14.90
C TRP B 124 15.76 -5.35 -15.81
N ALA B 125 14.76 -4.46 -15.84
CA ALA B 125 13.75 -4.41 -16.88
C ALA B 125 14.02 -3.20 -17.78
N PHE B 126 13.99 -3.43 -19.08
CA PHE B 126 14.36 -2.46 -20.11
C PHE B 126 13.18 -2.27 -21.05
N HIS B 127 12.79 -1.02 -21.32
CA HIS B 127 12.01 -0.75 -22.53
C HIS B 127 12.17 0.72 -22.91
N ASP B 128 12.82 0.95 -24.05
CA ASP B 128 12.75 2.23 -24.76
C ASP B 128 13.13 3.40 -23.85
N GLY B 129 14.32 3.30 -23.26
CA GLY B 129 14.81 4.33 -22.38
C GLY B 129 14.27 4.28 -20.97
N GLN B 130 13.18 3.57 -20.74
CA GLN B 130 12.73 3.25 -19.39
C GLN B 130 13.54 2.09 -18.85
N ARG B 131 13.95 2.22 -17.60
CA ARG B 131 14.76 1.21 -16.94
C ARG B 131 14.18 1.01 -15.55
N SER B 132 14.33 -0.19 -15.03
CA SER B 132 13.70 -0.53 -13.76
C SER B 132 14.54 -1.65 -13.15
N ARG B 133 15.10 -1.41 -11.98
CA ARG B 133 15.92 -2.40 -11.32
C ARG B 133 15.07 -3.44 -10.62
N LEU B 134 15.48 -4.69 -10.74
CA LEU B 134 14.78 -5.78 -10.10
C LEU B 134 15.63 -6.31 -8.96
N ARG B 135 14.97 -6.80 -7.92
CA ARG B 135 15.64 -7.37 -6.77
C ARG B 135 15.03 -8.72 -6.45
N PRO B 136 15.31 -9.74 -7.26
CA PRO B 136 14.83 -11.08 -6.95
C PRO B 136 15.58 -11.71 -5.77
N ARG B 137 14.94 -12.61 -5.05
CA ARG B 137 15.51 -13.20 -3.84
C ARG B 137 16.77 -14.01 -4.05
N ASP B 138 16.81 -14.76 -5.13
CA ASP B 138 17.92 -15.65 -5.43
C ASP B 138 18.12 -15.50 -6.92
N ASP B 139 19.23 -15.98 -7.46
CA ASP B 139 19.38 -15.90 -8.90
C ASP B 139 18.25 -16.65 -9.57
N LEU B 140 17.70 -16.05 -10.62
CA LEU B 140 16.65 -16.68 -11.36
C LEU B 140 17.22 -17.83 -12.16
N ASP B 141 16.53 -18.96 -12.14
CA ASP B 141 16.85 -20.09 -12.99
C ASP B 141 15.88 -20.16 -14.16
N ARG B 142 14.60 -20.00 -13.85
CA ARG B 142 13.50 -20.17 -14.79
C ARG B 142 12.61 -18.94 -14.84
N LEU B 143 12.38 -18.44 -16.04
CA LEU B 143 11.51 -17.28 -16.24
C LEU B 143 10.20 -17.69 -16.89
N GLY B 144 9.13 -17.01 -16.50
CA GLY B 144 7.88 -17.16 -17.20
C GLY B 144 7.47 -15.82 -17.79
N VAL B 145 7.12 -15.83 -19.08
CA VAL B 145 6.70 -14.60 -19.77
C VAL B 145 5.22 -14.74 -20.13
N PHE B 146 4.41 -13.79 -19.66
CA PHE B 146 2.97 -13.83 -19.91
C PHE B 146 2.63 -12.62 -20.76
N LEU B 147 2.10 -12.89 -21.96
CA LEU B 147 1.71 -11.83 -22.88
C LEU B 147 0.18 -11.82 -22.99
N ASP B 148 -0.39 -10.65 -22.78
CA ASP B 148 -1.80 -10.40 -23.04
C ASP B 148 -1.82 -9.29 -24.06
N TYR B 149 -1.94 -9.63 -25.33
CA TYR B 149 -1.87 -8.63 -26.36
C TYR B 149 -2.96 -7.57 -26.29
N GLU B 150 -4.19 -8.00 -26.09
CA GLU B 150 -5.30 -7.08 -26.04
C GLU B 150 -5.17 -6.11 -24.88
N ALA B 151 -4.75 -6.62 -23.73
CA ALA B 151 -4.61 -5.82 -22.54
C ALA B 151 -3.33 -5.00 -22.53
N GLY B 152 -2.46 -5.26 -23.49
CA GLY B 152 -1.19 -4.56 -23.52
C GLY B 152 -0.32 -4.86 -22.32
N VAL B 153 -0.20 -6.14 -21.98
CA VAL B 153 0.48 -6.58 -20.77
C VAL B 153 1.53 -7.62 -21.12
N LEU B 154 2.75 -7.40 -20.66
CA LEU B 154 3.85 -8.34 -20.86
C LEU B 154 4.45 -8.54 -19.47
N ALA B 155 4.12 -9.65 -18.83
CA ALA B 155 4.48 -9.89 -17.44
C ALA B 155 5.55 -10.97 -17.33
N PHE B 156 6.47 -10.82 -16.37
CA PHE B 156 7.54 -11.77 -16.15
C PHE B 156 7.48 -12.33 -14.74
N TYR B 157 7.76 -13.62 -14.59
CA TYR B 157 7.66 -14.29 -13.31
C TYR B 157 8.93 -15.09 -13.03
N ASP B 158 9.27 -15.19 -11.74
CA ASP B 158 10.31 -16.10 -11.27
C ASP B 158 9.63 -17.45 -11.05
N VAL B 159 9.78 -18.35 -12.03
CA VAL B 159 9.05 -19.63 -11.99
C VAL B 159 9.50 -20.45 -10.79
N THR B 160 10.79 -20.76 -10.74
CA THR B 160 11.38 -21.17 -9.48
C THR B 160 11.19 -20.06 -8.46
N GLY B 161 10.99 -20.43 -7.21
CA GLY B 161 10.68 -19.38 -6.26
C GLY B 161 9.24 -18.94 -6.32
N GLY B 162 8.34 -19.83 -6.74
CA GLY B 162 6.92 -19.70 -6.46
C GLY B 162 6.12 -18.80 -7.37
N MET B 163 6.48 -18.71 -8.65
CA MET B 163 5.74 -17.85 -9.58
C MET B 163 5.73 -16.40 -9.09
N SER B 164 6.79 -16.00 -8.40
CA SER B 164 6.84 -14.66 -7.86
C SER B 164 6.91 -13.65 -9.00
N HIS B 165 6.15 -12.57 -8.88
CA HIS B 165 6.12 -11.58 -9.94
C HIS B 165 7.46 -10.83 -10.00
N LEU B 166 7.99 -10.66 -11.22
CA LEU B 166 9.22 -9.88 -11.38
C LEU B 166 8.96 -8.47 -11.91
N HIS B 167 8.16 -8.34 -12.96
CA HIS B 167 7.94 -7.04 -13.58
C HIS B 167 6.85 -7.18 -14.63
N THR B 168 6.07 -6.12 -14.80
CA THR B 168 5.03 -6.06 -15.81
C THR B 168 5.25 -4.83 -16.68
N PHE B 169 5.41 -5.05 -17.98
CA PHE B 169 5.41 -3.95 -18.93
C PHE B 169 3.98 -3.65 -19.35
N ARG B 170 3.72 -2.38 -19.64
CA ARG B 170 2.44 -1.97 -20.17
C ARG B 170 2.68 -1.15 -21.43
N ALA B 171 2.03 -1.54 -22.52
CA ALA B 171 2.19 -0.83 -23.78
C ALA B 171 0.98 -1.16 -24.64
N THR B 172 0.78 -0.37 -25.69
CA THR B 172 -0.15 -0.74 -26.76
C THR B 172 0.69 -1.30 -27.90
N PHE B 173 0.57 -2.60 -28.13
CA PHE B 173 1.41 -3.26 -29.12
C PHE B 173 0.90 -2.98 -30.53
N GLN B 174 1.81 -2.60 -31.41
CA GLN B 174 1.50 -2.11 -32.75
C GLN B 174 1.69 -3.17 -33.82
N GLU B 175 2.53 -4.16 -33.55
CA GLU B 175 2.91 -5.17 -34.52
C GLU B 175 2.97 -6.49 -33.77
N PRO B 176 3.07 -7.63 -34.44
CA PRO B 176 3.15 -8.89 -33.69
C PRO B 176 4.50 -9.04 -32.98
N LEU B 177 4.44 -9.73 -31.84
CA LEU B 177 5.57 -9.90 -30.94
C LEU B 177 6.21 -11.26 -31.11
N TYR B 178 7.54 -11.30 -31.18
CA TYR B 178 8.26 -12.56 -31.21
C TYR B 178 9.00 -12.76 -29.89
N PRO B 179 8.95 -13.92 -29.26
CA PRO B 179 9.88 -14.15 -28.14
C PRO B 179 11.30 -13.95 -28.60
N ALA B 180 12.15 -13.43 -27.71
CA ALA B 180 13.43 -12.92 -28.17
C ALA B 180 14.49 -13.08 -27.09
N LEU B 181 15.72 -13.39 -27.50
CA LEU B 181 16.83 -13.52 -26.58
C LEU B 181 18.13 -12.86 -27.03
N ARG B 182 18.97 -12.61 -26.05
CA ARG B 182 20.34 -12.16 -26.23
C ARG B 182 21.20 -12.94 -25.21
N LEU B 183 22.30 -13.52 -25.70
CA LEU B 183 23.20 -14.34 -24.91
C LEU B 183 24.53 -13.65 -24.67
N TRP B 184 25.03 -13.77 -23.45
CA TRP B 184 26.39 -13.38 -23.14
C TRP B 184 27.31 -14.61 -23.09
N GLU B 185 26.77 -15.71 -22.60
CA GLU B 185 27.50 -16.97 -22.45
C GLU B 185 26.55 -18.15 -22.27
N GLY B 186 27.11 -19.34 -22.33
CA GLY B 186 26.37 -20.55 -22.03
C GLY B 186 25.17 -20.75 -22.92
N ALA B 187 24.06 -21.19 -22.35
CA ALA B 187 22.91 -21.59 -23.14
C ALA B 187 21.64 -21.12 -22.46
N ILE B 188 20.62 -20.91 -23.30
CA ILE B 188 19.26 -20.65 -22.89
C ILE B 188 18.40 -21.68 -23.59
N SER B 189 17.45 -22.26 -22.86
CA SER B 189 16.54 -23.22 -23.46
C SER B 189 15.10 -22.83 -23.17
N ILE B 190 14.24 -23.15 -24.13
CA ILE B 190 12.80 -22.95 -24.03
C ILE B 190 12.17 -24.27 -23.61
N PRO B 191 11.73 -24.38 -22.37
CA PRO B 191 11.15 -25.65 -21.92
C PRO B 191 9.88 -26.04 -22.66
N ARG B 192 9.64 -27.33 -22.85
CA ARG B 192 8.40 -27.77 -23.51
C ARG B 192 7.30 -27.66 -22.51
N LEU B 193 6.20 -27.02 -22.90
CA LEU B 193 5.07 -26.82 -22.01
C LEU B 193 3.78 -27.48 -22.47
N PRO B 194 3.14 -28.21 -21.56
CA PRO B 194 1.89 -28.96 -21.60
C PRO B 194 1.00 -28.65 -22.77
N SER C 8 -17.28 -34.53 18.84
CA SER C 8 -17.13 -35.08 17.51
C SER C 8 -18.47 -35.51 16.91
N PRO C 9 -19.30 -34.54 16.53
CA PRO C 9 -20.61 -34.89 16.00
C PRO C 9 -20.62 -35.37 14.56
N GLU C 10 -21.70 -36.03 14.19
CA GLU C 10 -21.89 -36.45 12.82
C GLU C 10 -22.17 -35.19 12.00
N ARG C 11 -21.74 -35.20 10.76
CA ARG C 11 -21.99 -34.09 9.86
C ARG C 11 -23.49 -33.80 9.75
N SER C 12 -24.30 -34.85 9.68
CA SER C 12 -25.76 -34.73 9.60
C SER C 12 -26.29 -33.93 10.78
N LEU C 13 -25.63 -34.00 11.93
CA LEU C 13 -26.04 -33.20 13.09
C LEU C 13 -25.70 -31.72 12.89
N LEU C 14 -24.53 -31.41 12.32
CA LEU C 14 -24.25 -30.01 12.06
C LEU C 14 -25.03 -29.48 10.86
N LEU C 15 -25.35 -30.35 9.89
CA LEU C 15 -26.10 -29.93 8.71
C LEU C 15 -27.49 -29.41 9.04
N LYS C 16 -27.99 -29.64 10.26
CA LYS C 16 -29.26 -29.04 10.63
C LYS C 16 -29.18 -27.53 10.70
N TYR C 17 -27.97 -26.97 10.84
CA TYR C 17 -27.75 -25.54 10.78
C TYR C 17 -27.10 -25.12 9.48
N ALA C 18 -27.29 -25.89 8.41
CA ALA C 18 -26.59 -25.64 7.16
C ALA C 18 -26.87 -24.22 6.67
N ARG C 19 -25.80 -23.51 6.30
CA ARG C 19 -25.90 -22.24 5.59
C ARG C 19 -25.02 -22.29 4.35
N THR C 20 -25.38 -21.48 3.36
CA THR C 20 -24.56 -21.27 2.16
C THR C 20 -24.31 -19.79 2.02
N PRO C 21 -23.33 -19.25 2.75
CA PRO C 21 -23.07 -17.81 2.67
C PRO C 21 -22.45 -17.41 1.34
N THR C 22 -22.93 -16.30 0.79
CA THR C 22 -22.47 -15.79 -0.49
C THR C 22 -21.37 -14.76 -0.25
N LEU C 23 -20.44 -14.64 -1.21
CA LEU C 23 -19.30 -13.77 -1.04
C LEU C 23 -19.61 -12.42 -1.64
N ASP C 24 -19.03 -11.36 -1.06
CA ASP C 24 -19.42 -10.00 -1.41
C ASP C 24 -18.42 -9.43 -2.42
N PRO C 25 -18.83 -9.18 -3.67
CA PRO C 25 -17.86 -8.71 -4.66
C PRO C 25 -17.33 -7.33 -4.35
N ASP C 26 -18.08 -6.54 -3.58
CA ASP C 26 -17.61 -5.19 -3.25
C ASP C 26 -16.41 -5.22 -2.32
N THR C 27 -16.20 -6.30 -1.55
CA THR C 27 -15.07 -6.33 -0.64
C THR C 27 -13.87 -7.04 -1.22
N MET C 28 -14.06 -7.82 -2.28
CA MET C 28 -13.01 -8.71 -2.73
C MET C 28 -11.91 -7.93 -3.44
N HIS C 29 -10.68 -8.29 -3.14
CA HIS C 29 -9.51 -7.63 -3.71
C HIS C 29 -9.55 -7.71 -5.23
N ALA C 30 -8.98 -6.69 -5.87
CA ALA C 30 -9.10 -6.52 -7.30
C ALA C 30 -8.55 -7.73 -8.06
N ARG C 31 -7.52 -8.38 -7.53
CA ARG C 31 -7.01 -9.57 -8.21
C ARG C 31 -7.93 -10.77 -8.06
N LEU C 32 -9.02 -10.66 -7.29
CA LEU C 32 -9.89 -11.80 -7.06
C LEU C 32 -11.09 -11.75 -8.02
N ARG C 33 -11.43 -12.91 -8.56
CA ARG C 33 -12.59 -13.05 -9.41
C ARG C 33 -13.63 -13.85 -8.66
N LEU C 34 -14.89 -13.63 -9.01
CA LEU C 34 -15.98 -14.27 -8.26
C LEU C 34 -16.92 -14.96 -9.22
N SER C 35 -17.39 -16.14 -8.81
CA SER C 35 -18.32 -16.95 -9.59
C SER C 35 -19.69 -16.27 -9.74
N ALA C 36 -20.46 -16.76 -10.73
CA ALA C 36 -21.79 -16.21 -10.95
C ALA C 36 -22.70 -16.41 -9.73
N ASP C 37 -22.65 -17.59 -9.11
CA ASP C 37 -23.45 -17.81 -7.91
C ASP C 37 -22.82 -17.17 -6.66
N ARG C 38 -21.69 -16.46 -6.80
CA ARG C 38 -20.96 -15.79 -5.71
C ARG C 38 -20.48 -16.77 -4.65
N LEU C 39 -20.33 -18.03 -5.00
CA LEU C 39 -19.85 -19.04 -4.07
C LEU C 39 -18.40 -19.46 -4.32
N THR C 40 -17.82 -19.12 -5.47
CA THR C 40 -16.43 -19.47 -5.75
C THR C 40 -15.66 -18.19 -6.01
N VAL C 41 -14.61 -17.98 -5.23
CA VAL C 41 -13.67 -16.89 -5.44
C VAL C 41 -12.37 -17.52 -5.95
N ARG C 42 -11.84 -16.97 -7.03
CA ARG C 42 -10.55 -17.41 -7.56
C ARG C 42 -9.66 -16.21 -7.75
N CYS C 43 -8.36 -16.47 -7.89
CA CYS C 43 -7.38 -15.44 -8.19
C CYS C 43 -7.31 -15.24 -9.70
N GLY C 44 -7.22 -13.98 -10.10
CA GLY C 44 -7.13 -13.62 -11.49
C GLY C 44 -5.70 -13.34 -11.90
N LEU C 45 -5.48 -13.25 -13.20
CA LEU C 45 -4.13 -13.08 -13.69
C LEU C 45 -3.68 -11.63 -13.62
N LEU C 46 -4.56 -10.69 -13.98
CA LEU C 46 -4.20 -9.29 -14.09
C LEU C 46 -4.71 -8.52 -12.89
N GLY C 47 -3.89 -7.60 -12.41
CA GLY C 47 -4.30 -6.73 -11.32
C GLY C 47 -5.39 -5.76 -11.75
N SER C 48 -6.21 -5.38 -10.78
CA SER C 48 -7.41 -4.58 -11.00
C SER C 48 -8.21 -5.06 -12.23
N PRO C 53 -14.16 1.08 -3.85
CA PRO C 53 -12.90 0.79 -3.19
C PRO C 53 -12.91 0.93 -1.70
N VAL C 54 -13.82 1.71 -1.13
CA VAL C 54 -13.80 1.90 0.32
C VAL C 54 -14.03 0.61 1.12
N LEU C 55 -14.98 -0.21 0.69
CA LEU C 55 -15.25 -1.47 1.36
C LEU C 55 -14.29 -2.58 0.88
N ARG C 56 -13.76 -2.40 -0.31
CA ARG C 56 -12.83 -3.34 -0.91
C ARG C 56 -11.51 -3.40 -0.18
N PHE C 57 -10.90 -4.58 -0.13
CA PHE C 57 -9.52 -4.73 0.34
C PHE C 57 -8.58 -4.23 -0.76
N ASP C 58 -7.61 -3.40 -0.38
CA ASP C 58 -6.69 -2.83 -1.35
C ASP C 58 -5.42 -3.67 -1.55
N ALA C 59 -4.85 -4.22 -0.49
CA ALA C 59 -3.57 -4.91 -0.61
C ALA C 59 -3.62 -6.39 -0.28
N LEU C 60 -4.49 -6.80 0.63
CA LEU C 60 -4.65 -8.20 0.98
C LEU C 60 -5.65 -8.84 0.03
N TRP C 61 -5.35 -10.06 -0.40
CA TRP C 61 -6.24 -10.81 -1.27
C TRP C 61 -7.37 -11.46 -0.47
N GLN C 62 -8.19 -10.60 0.15
CA GLN C 62 -9.24 -11.03 1.05
C GLN C 62 -10.62 -10.67 0.50
N VAL C 63 -11.63 -11.35 1.05
CA VAL C 63 -13.02 -11.20 0.65
C VAL C 63 -13.88 -11.55 1.85
N LEU C 64 -14.94 -10.78 2.07
CA LEU C 64 -15.91 -11.06 3.13
C LEU C 64 -17.22 -11.53 2.53
N ALA C 65 -18.01 -12.22 3.35
CA ALA C 65 -19.30 -12.70 2.86
C ALA C 65 -20.30 -11.55 2.79
N ARG C 66 -21.30 -11.72 1.91
CA ARG C 66 -22.40 -10.76 1.87
C ARG C 66 -23.34 -10.92 3.05
N ASP C 67 -23.37 -12.08 3.67
CA ASP C 67 -24.25 -12.36 4.80
C ASP C 67 -23.42 -12.52 6.06
N CYS C 68 -24.02 -12.16 7.20
CA CYS C 68 -23.39 -12.30 8.50
C CYS C 68 -24.36 -12.98 9.45
N PHE C 69 -23.82 -13.46 10.56
CA PHE C 69 -24.58 -14.21 11.55
C PHE C 69 -24.57 -13.39 12.83
N ALA C 70 -25.75 -12.98 13.29
CA ALA C 70 -25.88 -12.08 14.43
C ALA C 70 -26.21 -12.81 15.73
N THR C 71 -26.99 -13.88 15.66
CA THR C 71 -27.29 -14.71 16.84
C THR C 71 -27.51 -16.13 16.36
N GLY C 72 -27.35 -17.07 17.28
CA GLY C 72 -27.75 -18.43 17.04
C GLY C 72 -26.61 -19.34 16.60
N ARG C 73 -27.02 -20.47 16.02
CA ARG C 73 -26.08 -21.50 15.60
C ARG C 73 -26.13 -21.66 14.09
N HIS C 74 -24.93 -21.73 13.50
CA HIS C 74 -24.79 -21.71 12.05
C HIS C 74 -23.61 -22.57 11.67
N TYR C 75 -23.81 -23.42 10.67
CA TYR C 75 -22.75 -24.27 10.15
C TYR C 75 -22.60 -23.98 8.66
N TRP C 76 -21.37 -23.65 8.23
CA TRP C 76 -21.08 -23.60 6.82
C TRP C 76 -19.79 -24.37 6.55
N GLU C 77 -19.55 -24.65 5.27
CA GLU C 77 -18.33 -25.31 4.88
C GLU C 77 -17.58 -24.45 3.88
N VAL C 78 -16.33 -24.83 3.68
CA VAL C 78 -15.42 -24.09 2.82
C VAL C 78 -14.52 -25.12 2.16
N ASP C 79 -14.40 -25.08 0.84
CA ASP C 79 -13.58 -26.07 0.14
C ASP C 79 -12.31 -25.39 -0.35
N VAL C 80 -11.17 -25.89 0.13
CA VAL C 80 -9.85 -25.37 -0.19
C VAL C 80 -9.07 -26.31 -1.10
N GLN C 81 -9.72 -27.36 -1.63
CA GLN C 81 -9.03 -28.35 -2.48
C GLN C 81 -8.36 -27.72 -3.69
N GLU C 82 -8.88 -26.62 -4.19
CA GLU C 82 -8.28 -25.96 -5.34
C GLU C 82 -7.50 -24.71 -4.97
N ALA C 83 -7.18 -24.53 -3.69
CA ALA C 83 -6.51 -23.32 -3.22
C ALA C 83 -5.01 -23.50 -3.05
N GLY C 84 -4.45 -24.57 -3.61
CA GLY C 84 -3.02 -24.76 -3.57
C GLY C 84 -2.49 -24.92 -2.16
N ALA C 85 -1.29 -24.40 -1.94
CA ALA C 85 -0.53 -24.72 -0.75
C ALA C 85 -0.72 -23.72 0.38
N GLY C 86 -1.55 -22.71 0.20
CA GLY C 86 -1.74 -21.71 1.24
C GLY C 86 -3.13 -21.10 1.13
N TRP C 87 -3.68 -20.71 2.28
CA TRP C 87 -5.02 -20.13 2.38
C TRP C 87 -5.28 -19.74 3.82
N TRP C 88 -6.22 -18.81 4.00
CA TRP C 88 -6.79 -18.51 5.31
C TRP C 88 -8.29 -18.61 5.24
N VAL C 89 -8.88 -19.32 6.21
CA VAL C 89 -10.34 -19.45 6.29
C VAL C 89 -10.79 -19.16 7.71
N GLY C 90 -11.69 -18.20 7.87
CA GLY C 90 -12.29 -17.94 9.17
C GLY C 90 -13.51 -17.06 9.11
N ALA C 91 -13.67 -16.21 10.12
CA ALA C 91 -14.79 -15.30 10.22
C ALA C 91 -14.31 -13.98 10.82
N ALA C 92 -15.02 -12.90 10.52
CA ALA C 92 -14.57 -11.59 10.97
C ALA C 92 -15.77 -10.70 11.25
N TYR C 93 -15.59 -9.74 12.15
CA TYR C 93 -16.53 -8.62 12.29
C TYR C 93 -16.46 -7.74 11.05
N ALA C 94 -17.55 -7.04 10.74
CA ALA C 94 -17.52 -6.07 9.66
C ALA C 94 -16.48 -4.98 9.88
N SER C 95 -16.10 -4.74 11.12
CA SER C 95 -15.09 -3.76 11.48
C SER C 95 -13.68 -4.17 11.05
N LEU C 96 -13.46 -5.28 10.35
CA LEU C 96 -12.12 -5.62 9.91
C LEU C 96 -11.64 -4.59 8.90
N ARG C 97 -10.42 -4.12 9.08
CA ARG C 97 -9.94 -3.01 8.26
C ARG C 97 -9.65 -3.46 6.84
N ARG C 98 -9.95 -2.56 5.89
CA ARG C 98 -9.85 -2.94 4.49
C ARG C 98 -8.57 -2.47 3.82
N ARG C 99 -7.90 -1.46 4.38
CA ARG C 99 -6.75 -0.84 3.71
C ARG C 99 -5.44 -1.26 4.35
N GLY C 100 -4.48 -1.64 3.51
CA GLY C 100 -3.15 -2.00 3.96
C GLY C 100 -3.02 -3.47 4.29
N ALA C 101 -1.80 -3.85 4.70
CA ALA C 101 -1.50 -5.16 5.24
C ALA C 101 -1.23 -5.13 6.74
N SER C 102 -1.69 -4.08 7.43
CA SER C 102 -1.57 -3.98 8.88
C SER C 102 -2.17 -5.20 9.56
N ALA C 103 -1.68 -5.50 10.76
CA ALA C 103 -2.30 -6.55 11.56
C ALA C 103 -3.78 -6.31 11.74
N ALA C 104 -4.21 -5.04 11.66
CA ALA C 104 -5.62 -4.71 11.80
C ALA C 104 -6.42 -5.07 10.56
N ALA C 105 -5.76 -5.30 9.43
CA ALA C 105 -6.42 -5.74 8.21
C ALA C 105 -6.28 -7.23 7.91
N ARG C 106 -5.21 -7.87 8.38
CA ARG C 106 -4.99 -9.27 8.08
C ARG C 106 -5.94 -10.17 8.86
N LEU C 107 -6.52 -11.14 8.17
CA LEU C 107 -7.41 -12.11 8.79
C LEU C 107 -6.71 -12.87 9.90
N GLY C 108 -7.29 -12.84 11.11
CA GLY C 108 -6.84 -13.61 12.24
C GLY C 108 -5.74 -12.97 13.07
N CYS C 109 -5.24 -11.81 12.66
CA CYS C 109 -4.15 -11.13 13.34
C CYS C 109 -4.63 -10.02 14.29
N ASN C 110 -5.93 -9.95 14.56
CA ASN C 110 -6.53 -8.89 15.37
C ASN C 110 -7.63 -9.50 16.23
N ARG C 111 -8.28 -8.63 17.01
CA ARG C 111 -9.34 -9.09 17.90
C ARG C 111 -10.67 -9.26 17.19
N GLN C 112 -10.77 -8.79 15.95
CA GLN C 112 -12.02 -8.81 15.21
C GLN C 112 -12.11 -9.96 14.20
N SER C 113 -11.20 -10.94 14.27
CA SER C 113 -11.25 -12.00 13.28
C SER C 113 -10.56 -13.25 13.82
N TRP C 114 -11.08 -14.40 13.39
CA TRP C 114 -10.59 -15.72 13.74
C TRP C 114 -10.36 -16.49 12.45
N CYS C 115 -9.28 -17.27 12.37
CA CYS C 115 -9.18 -18.12 11.19
C CYS C 115 -8.24 -19.30 11.45
N LEU C 116 -8.35 -20.28 10.56
CA LEU C 116 -7.35 -21.31 10.38
C LEU C 116 -6.52 -20.95 9.16
N LYS C 117 -5.25 -21.32 9.17
CA LYS C 117 -4.39 -20.98 8.07
C LYS C 117 -3.55 -22.19 7.69
N ARG C 118 -3.33 -22.37 6.40
CA ARG C 118 -2.35 -23.34 5.93
C ARG C 118 -1.21 -22.57 5.26
N TYR C 119 0.02 -22.91 5.60
CA TYR C 119 1.15 -22.63 4.73
C TYR C 119 2.04 -23.84 4.52
N ASP C 120 2.11 -24.30 3.28
CA ASP C 120 2.87 -25.49 2.94
C ASP C 120 2.38 -26.67 3.76
N LEU C 121 3.29 -27.29 4.50
CA LEU C 121 2.94 -28.33 5.46
C LEU C 121 2.27 -27.88 6.77
N GLU C 122 2.39 -26.60 7.14
CA GLU C 122 1.93 -26.13 8.44
C GLU C 122 0.45 -25.73 8.39
N TYR C 123 -0.26 -26.02 9.47
CA TYR C 123 -1.63 -25.59 9.64
C TYR C 123 -1.72 -24.91 11.00
N TRP C 124 -2.47 -23.80 11.06
CA TRP C 124 -2.46 -22.93 12.23
C TRP C 124 -3.85 -22.35 12.47
N ALA C 125 -4.14 -22.13 13.75
CA ALA C 125 -5.32 -21.40 14.24
C ALA C 125 -4.88 -20.08 14.82
N PHE C 126 -5.42 -18.98 14.29
CA PHE C 126 -5.03 -17.64 14.72
C PHE C 126 -6.21 -16.84 15.25
N HIS C 127 -5.95 -16.08 16.30
CA HIS C 127 -6.85 -15.00 16.69
C HIS C 127 -6.02 -13.97 17.45
N ASP C 128 -6.01 -12.73 16.96
CA ASP C 128 -5.36 -11.60 17.64
C ASP C 128 -3.88 -11.94 17.76
N GLY C 129 -3.30 -11.95 18.96
CA GLY C 129 -1.92 -12.39 19.07
C GLY C 129 -1.78 -13.89 18.92
N GLN C 130 -2.75 -14.64 19.42
CA GLN C 130 -2.53 -16.05 19.71
C GLN C 130 -2.51 -16.92 18.45
N ARG C 131 -1.66 -17.94 18.50
CA ARG C 131 -1.65 -19.01 17.52
C ARG C 131 -1.57 -20.35 18.22
N SER C 132 -2.14 -21.35 17.57
CA SER C 132 -2.07 -22.73 18.00
C SER C 132 -1.81 -23.58 16.78
N ARG C 133 -0.76 -24.41 16.84
CA ARG C 133 -0.45 -25.26 15.70
C ARG C 133 -1.43 -26.43 15.63
N LEU C 134 -1.78 -26.82 14.42
CA LEU C 134 -2.62 -27.98 14.17
C LEU C 134 -1.82 -29.07 13.50
N ARG C 135 -2.27 -30.31 13.68
CA ARG C 135 -1.57 -31.48 13.16
C ARG C 135 -2.58 -32.39 12.49
N PRO C 136 -3.12 -31.98 11.34
CA PRO C 136 -4.10 -32.83 10.67
C PRO C 136 -3.41 -34.00 10.00
N ARG C 137 -4.18 -35.09 9.92
CA ARG C 137 -3.68 -36.32 9.34
C ARG C 137 -3.31 -36.14 7.87
N ASP C 138 -4.22 -35.61 7.05
CA ASP C 138 -3.94 -35.36 5.65
C ASP C 138 -4.11 -33.88 5.36
N ASP C 139 -3.69 -33.44 4.17
CA ASP C 139 -3.87 -32.05 3.81
C ASP C 139 -5.36 -31.72 3.81
N LEU C 140 -5.69 -30.48 4.19
CA LEU C 140 -7.10 -30.12 4.33
C LEU C 140 -7.74 -29.95 2.97
N ASP C 141 -9.00 -30.38 2.87
CA ASP C 141 -9.77 -30.42 1.63
C ASP C 141 -11.07 -29.64 1.84
N ARG C 142 -11.94 -30.18 2.68
CA ARG C 142 -13.20 -29.55 3.04
C ARG C 142 -13.16 -29.18 4.51
N LEU C 143 -13.42 -27.91 4.80
CA LEU C 143 -13.51 -27.42 6.16
C LEU C 143 -14.97 -27.18 6.50
N GLY C 144 -15.33 -27.43 7.74
CA GLY C 144 -16.62 -27.03 8.27
C GLY C 144 -16.40 -26.07 9.42
N VAL C 145 -17.22 -25.01 9.45
CA VAL C 145 -17.12 -24.01 10.51
C VAL C 145 -18.46 -23.98 11.23
N PHE C 146 -18.42 -24.12 12.55
CA PHE C 146 -19.63 -24.13 13.34
C PHE C 146 -19.59 -22.97 14.31
N LEU C 147 -20.48 -22.02 14.12
CA LEU C 147 -20.64 -20.91 15.04
C LEU C 147 -21.84 -21.17 15.94
N ASP C 148 -21.63 -21.02 17.26
CA ASP C 148 -22.68 -20.79 18.24
C ASP C 148 -22.41 -19.39 18.81
N TYR C 149 -23.17 -18.40 18.32
CA TYR C 149 -22.94 -17.02 18.75
C TYR C 149 -23.04 -16.89 20.26
N GLU C 150 -24.18 -17.29 20.82
CA GLU C 150 -24.45 -17.06 22.24
C GLU C 150 -23.43 -17.75 23.13
N ALA C 151 -23.13 -19.02 22.83
CA ALA C 151 -22.16 -19.75 23.62
C ALA C 151 -20.74 -19.24 23.43
N GLY C 152 -20.46 -18.46 22.39
CA GLY C 152 -19.10 -18.02 22.16
C GLY C 152 -18.23 -19.10 21.58
N VAL C 153 -18.77 -19.89 20.66
CA VAL C 153 -18.08 -21.03 20.07
C VAL C 153 -17.92 -20.79 18.58
N LEU C 154 -16.69 -20.94 18.10
CA LEU C 154 -16.37 -21.00 16.66
C LEU C 154 -15.50 -22.23 16.46
N ALA C 155 -16.13 -23.34 16.07
CA ALA C 155 -15.44 -24.61 15.96
C ALA C 155 -15.14 -24.92 14.51
N PHE C 156 -13.94 -25.45 14.28
CA PHE C 156 -13.45 -25.81 12.95
C PHE C 156 -13.26 -27.32 12.84
N TYR C 157 -13.72 -27.89 11.72
CA TYR C 157 -13.69 -29.33 11.45
C TYR C 157 -13.03 -29.64 10.12
N ASP C 158 -12.24 -30.71 10.13
CA ASP C 158 -11.75 -31.41 8.93
C ASP C 158 -12.88 -32.33 8.48
N VAL C 159 -13.73 -31.81 7.60
CA VAL C 159 -14.87 -32.59 7.12
C VAL C 159 -14.39 -33.81 6.37
N THR C 160 -13.41 -33.62 5.47
CA THR C 160 -12.97 -34.72 4.63
C THR C 160 -12.42 -35.87 5.46
N GLY C 161 -11.71 -35.57 6.55
CA GLY C 161 -11.19 -36.60 7.42
C GLY C 161 -12.24 -37.15 8.37
N GLY C 162 -13.42 -37.45 7.84
CA GLY C 162 -14.48 -38.05 8.65
C GLY C 162 -15.03 -37.15 9.75
N MET C 163 -15.07 -35.82 9.51
CA MET C 163 -15.59 -34.85 10.47
C MET C 163 -14.70 -34.76 11.72
N SER C 164 -13.39 -34.71 11.52
CA SER C 164 -12.46 -34.66 12.64
C SER C 164 -12.24 -33.23 13.11
N HIS C 165 -12.41 -33.00 14.41
CA HIS C 165 -12.27 -31.68 14.98
C HIS C 165 -10.85 -31.15 14.76
N LEU C 166 -10.76 -29.86 14.41
CA LEU C 166 -9.44 -29.22 14.30
C LEU C 166 -9.18 -28.22 15.42
N HIS C 167 -10.12 -27.33 15.73
CA HIS C 167 -9.85 -26.31 16.75
C HIS C 167 -11.15 -25.58 17.05
N THR C 168 -11.34 -25.23 18.30
CA THR C 168 -12.49 -24.45 18.72
C THR C 168 -12.01 -23.14 19.31
N PHE C 169 -12.60 -22.04 18.87
CA PHE C 169 -12.34 -20.72 19.42
C PHE C 169 -13.41 -20.37 20.44
N ARG C 170 -13.00 -19.76 21.53
CA ARG C 170 -13.91 -19.19 22.51
C ARG C 170 -13.73 -17.69 22.56
N ALA C 171 -14.85 -16.98 22.61
CA ALA C 171 -14.87 -15.54 22.72
C ALA C 171 -16.28 -15.12 23.15
N THR C 172 -16.42 -13.85 23.45
CA THR C 172 -17.72 -13.25 23.68
C THR C 172 -17.95 -12.27 22.54
N PHE C 173 -18.83 -12.66 21.63
CA PHE C 173 -18.99 -11.98 20.35
C PHE C 173 -19.74 -10.65 20.54
N GLN C 174 -19.12 -9.56 20.09
CA GLN C 174 -19.69 -8.23 20.27
C GLN C 174 -20.70 -7.89 19.18
N GLU C 175 -20.37 -8.25 17.93
CA GLU C 175 -21.11 -7.82 16.75
C GLU C 175 -21.20 -8.98 15.76
N PRO C 176 -21.85 -8.83 14.61
CA PRO C 176 -22.09 -10.00 13.76
C PRO C 176 -20.82 -10.49 13.07
N LEU C 177 -20.81 -11.80 12.79
CA LEU C 177 -19.67 -12.50 12.20
C LEU C 177 -19.89 -12.72 10.71
N TYR C 178 -18.91 -12.33 9.90
CA TYR C 178 -18.99 -12.63 8.47
C TYR C 178 -18.02 -13.74 8.10
N PRO C 179 -18.42 -14.78 7.38
CA PRO C 179 -17.41 -15.70 6.83
C PRO C 179 -16.38 -14.90 6.06
N ALA C 180 -15.11 -15.28 6.16
CA ALA C 180 -14.02 -14.48 5.63
C ALA C 180 -12.91 -15.37 5.07
N LEU C 181 -12.32 -14.94 3.93
CA LEU C 181 -11.28 -15.72 3.27
C LEU C 181 -10.09 -14.83 2.88
N ARG C 182 -8.92 -15.46 2.78
CA ARG C 182 -7.72 -14.89 2.17
C ARG C 182 -7.07 -15.94 1.29
N LEU C 183 -6.73 -15.56 0.06
CA LEU C 183 -6.21 -16.49 -0.93
C LEU C 183 -4.74 -16.22 -1.20
N TRP C 184 -3.97 -17.29 -1.31
CA TRP C 184 -2.60 -17.21 -1.80
C TRP C 184 -2.56 -17.51 -3.29
N GLU C 185 -3.34 -18.49 -3.72
CA GLU C 185 -3.45 -18.86 -5.13
C GLU C 185 -4.71 -19.66 -5.37
N GLY C 186 -5.12 -19.78 -6.62
CA GLY C 186 -6.15 -20.75 -6.94
C GLY C 186 -7.52 -20.27 -6.52
N ALA C 187 -8.35 -21.17 -6.01
CA ALA C 187 -9.75 -20.85 -5.77
C ALA C 187 -10.24 -21.50 -4.49
N ILE C 188 -11.15 -20.80 -3.83
CA ILE C 188 -11.86 -21.30 -2.66
C ILE C 188 -13.35 -21.18 -2.95
N SER C 189 -14.10 -22.22 -2.61
CA SER C 189 -15.53 -22.18 -2.85
C SER C 189 -16.28 -22.48 -1.54
N ILE C 190 -17.53 -22.02 -1.50
CA ILE C 190 -18.46 -22.27 -0.40
C ILE C 190 -19.45 -23.32 -0.89
N PRO C 191 -19.35 -24.56 -0.42
CA PRO C 191 -20.31 -25.53 -0.96
C PRO C 191 -21.76 -25.24 -0.62
N ARG C 192 -22.66 -25.66 -1.48
CA ARG C 192 -24.07 -25.50 -1.23
C ARG C 192 -24.47 -26.56 -0.22
N LEU C 193 -25.14 -26.16 0.83
CA LEU C 193 -25.60 -27.06 1.85
C LEU C 193 -27.11 -26.94 1.92
N PRO C 194 -27.85 -28.07 1.91
CA PRO C 194 -27.59 -29.46 2.25
C PRO C 194 -26.70 -30.19 1.26
N SER D 8 -4.55 21.11 5.92
CA SER D 8 -5.95 20.78 6.05
C SER D 8 -6.21 19.40 5.51
N PRO D 9 -5.27 18.85 4.74
CA PRO D 9 -5.43 17.52 4.19
C PRO D 9 -5.52 16.47 5.29
N GLU D 10 -4.71 16.57 6.32
CA GLU D 10 -4.79 15.62 7.39
C GLU D 10 -6.11 15.74 8.12
N ARG D 11 -6.56 16.95 8.35
CA ARG D 11 -7.78 17.15 9.10
C ARG D 11 -8.96 16.53 8.39
N SER D 12 -9.03 16.68 7.08
CA SER D 12 -10.11 16.09 6.32
C SER D 12 -10.08 14.56 6.40
N LEU D 13 -8.89 13.98 6.41
CA LEU D 13 -8.74 12.56 6.55
C LEU D 13 -9.20 12.15 7.95
N LEU D 14 -8.76 12.85 8.99
CA LEU D 14 -9.18 12.57 10.36
C LEU D 14 -10.68 12.74 10.54
N LEU D 15 -11.30 13.69 9.82
CA LEU D 15 -12.73 13.91 10.00
C LEU D 15 -13.55 12.74 9.51
N LYS D 16 -12.93 11.74 8.86
CA LYS D 16 -13.65 10.51 8.56
C LYS D 16 -14.06 9.78 9.83
N TYR D 17 -13.41 10.08 10.95
CA TYR D 17 -13.75 9.50 12.25
C TYR D 17 -14.37 10.52 13.20
N ALA D 18 -14.95 11.61 12.69
CA ALA D 18 -15.44 12.70 13.53
C ALA D 18 -16.38 12.20 14.63
N ARG D 19 -16.11 12.65 15.85
CA ARG D 19 -17.07 12.61 16.95
C ARG D 19 -17.22 14.01 17.54
N THR D 20 -18.38 14.24 18.15
CA THR D 20 -18.67 15.46 18.91
C THR D 20 -19.06 14.99 20.31
N PRO D 21 -18.09 14.75 21.18
CA PRO D 21 -18.41 14.18 22.50
C PRO D 21 -19.07 15.16 23.45
N THR D 22 -20.35 14.93 23.76
CA THR D 22 -20.99 15.71 24.80
C THR D 22 -20.40 15.38 26.16
N LEU D 23 -20.20 16.41 26.99
CA LEU D 23 -19.67 16.20 28.33
C LEU D 23 -20.79 15.78 29.30
N ASP D 24 -20.43 14.96 30.29
CA ASP D 24 -21.41 14.43 31.23
C ASP D 24 -21.57 15.39 32.40
N PRO D 25 -22.72 16.07 32.56
CA PRO D 25 -22.85 17.01 33.67
C PRO D 25 -22.76 16.35 35.04
N ASP D 26 -23.04 15.05 35.13
CA ASP D 26 -23.02 14.40 36.44
C ASP D 26 -21.61 14.27 36.98
N THR D 27 -20.63 14.02 36.12
CA THR D 27 -19.25 13.92 36.58
C THR D 27 -18.67 15.27 36.97
N MET D 28 -19.21 16.37 36.45
CA MET D 28 -18.43 17.61 36.47
C MET D 28 -18.37 18.20 37.88
N HIS D 29 -17.23 18.82 38.20
CA HIS D 29 -17.04 19.45 39.50
C HIS D 29 -18.03 20.61 39.68
N ALA D 30 -18.54 20.74 40.91
CA ALA D 30 -19.57 21.74 41.21
C ALA D 30 -19.18 23.15 40.80
N ARG D 31 -17.90 23.50 40.86
CA ARG D 31 -17.49 24.84 40.47
C ARG D 31 -17.73 25.11 38.98
N LEU D 32 -17.84 24.06 38.18
CA LEU D 32 -17.98 24.21 36.74
C LEU D 32 -19.45 24.31 36.33
N ARG D 33 -19.66 24.84 35.13
CA ARG D 33 -20.98 24.90 34.51
C ARG D 33 -20.89 24.35 33.09
N LEU D 34 -21.97 23.71 32.65
CA LEU D 34 -22.04 23.06 31.34
C LEU D 34 -23.12 23.71 30.47
N SER D 35 -22.81 24.02 29.22
CA SER D 35 -23.75 24.65 28.32
C SER D 35 -24.90 23.72 28.01
N ALA D 36 -25.98 24.30 27.48
CA ALA D 36 -27.21 23.53 27.26
C ALA D 36 -27.01 22.45 26.20
N ASP D 37 -26.19 22.71 25.19
CA ASP D 37 -25.85 21.70 24.21
C ASP D 37 -24.81 20.72 24.72
N ARG D 38 -24.36 20.89 25.97
CA ARG D 38 -23.40 20.02 26.64
C ARG D 38 -22.07 19.97 25.90
N LEU D 39 -21.77 21.00 25.13
CA LEU D 39 -20.53 21.09 24.38
C LEU D 39 -19.51 22.10 24.92
N THR D 40 -19.93 23.00 25.80
CA THR D 40 -19.00 23.95 26.40
C THR D 40 -19.09 23.90 27.92
N VAL D 41 -17.94 23.79 28.55
CA VAL D 41 -17.81 23.73 29.99
C VAL D 41 -17.01 24.95 30.42
N ARG D 42 -17.41 25.57 31.52
CA ARG D 42 -16.79 26.82 31.98
C ARG D 42 -16.76 26.86 33.51
N CYS D 43 -15.84 27.69 34.02
CA CYS D 43 -15.70 27.94 35.46
C CYS D 43 -16.72 28.98 35.94
N GLY D 44 -17.56 28.58 36.86
CA GLY D 44 -18.51 29.50 37.45
C GLY D 44 -17.87 30.30 38.55
N LEU D 45 -18.63 31.27 39.07
CA LEU D 45 -18.15 32.09 40.18
C LEU D 45 -18.12 31.31 41.49
N LEU D 46 -18.99 30.31 41.61
CA LEU D 46 -19.32 29.76 42.91
C LEU D 46 -19.39 28.25 42.81
N GLY D 47 -19.25 27.61 43.96
CA GLY D 47 -19.37 26.18 44.06
C GLY D 47 -20.82 25.74 44.05
N SER D 48 -21.49 25.91 42.90
CA SER D 48 -22.81 25.35 42.59
C SER D 48 -23.75 25.15 43.79
N PRO D 53 -23.69 12.90 43.37
CA PRO D 53 -22.39 13.38 43.83
C PRO D 53 -21.36 12.29 44.24
N VAL D 54 -21.46 11.05 43.74
CA VAL D 54 -20.47 10.01 44.09
C VAL D 54 -19.60 9.65 42.90
N LEU D 55 -20.03 9.92 41.68
CA LEU D 55 -19.12 9.94 40.53
C LEU D 55 -18.72 11.34 40.13
N ARG D 56 -19.26 12.36 40.79
CA ARG D 56 -18.91 13.73 40.53
C ARG D 56 -17.53 13.98 41.16
N PHE D 57 -16.68 14.73 40.49
CA PHE D 57 -15.36 15.02 41.03
C PHE D 57 -15.49 16.03 42.15
N ASP D 58 -15.10 15.63 43.34
CA ASP D 58 -15.16 16.51 44.50
C ASP D 58 -14.14 17.65 44.64
N ALA D 59 -12.90 17.42 44.25
CA ALA D 59 -11.87 18.43 44.42
C ALA D 59 -11.19 18.96 43.18
N LEU D 60 -11.29 18.24 42.07
CA LEU D 60 -10.61 18.67 40.86
C LEU D 60 -11.62 19.16 39.83
N TRP D 61 -11.34 20.30 39.20
CA TRP D 61 -12.28 20.88 38.25
C TRP D 61 -12.22 20.09 36.94
N GLN D 62 -12.68 18.84 37.03
CA GLN D 62 -12.66 17.91 35.91
C GLN D 62 -14.08 17.50 35.53
N VAL D 63 -14.18 16.95 34.31
CA VAL D 63 -15.43 16.47 33.72
C VAL D 63 -15.06 15.41 32.70
N LEU D 64 -15.91 14.40 32.57
CA LEU D 64 -15.79 13.34 31.58
C LEU D 64 -16.87 13.45 30.52
N ALA D 65 -16.56 12.98 29.31
CA ALA D 65 -17.59 12.89 28.29
C ALA D 65 -18.65 11.89 28.72
N ARG D 66 -19.80 11.98 28.06
CA ARG D 66 -20.88 11.04 28.29
C ARG D 66 -20.52 9.67 27.73
N ASP D 67 -20.00 9.64 26.51
CA ASP D 67 -19.75 8.40 25.79
C ASP D 67 -18.27 8.05 25.80
N CYS D 68 -17.99 6.75 25.84
CA CYS D 68 -16.62 6.25 25.79
C CYS D 68 -16.36 5.58 24.45
N PHE D 69 -15.11 5.21 24.23
CA PHE D 69 -14.68 4.53 23.01
C PHE D 69 -14.02 3.23 23.41
N ALA D 70 -14.60 2.10 22.97
CA ALA D 70 -14.08 0.78 23.31
C ALA D 70 -13.23 0.18 22.20
N THR D 71 -13.41 0.62 20.95
CA THR D 71 -12.68 0.03 19.83
C THR D 71 -12.69 1.02 18.68
N GLY D 72 -11.80 0.80 17.72
CA GLY D 72 -11.85 1.55 16.49
C GLY D 72 -11.18 2.92 16.55
N ARG D 73 -11.39 3.70 15.49
CA ARG D 73 -10.76 4.99 15.34
C ARG D 73 -11.75 6.12 15.59
N HIS D 74 -11.26 7.16 16.27
CA HIS D 74 -12.12 8.28 16.67
C HIS D 74 -11.29 9.55 16.67
N TYR D 75 -11.93 10.65 16.29
CA TYR D 75 -11.29 11.95 16.23
C TYR D 75 -12.27 12.98 16.78
N TRP D 76 -11.79 13.83 17.68
CA TRP D 76 -12.60 14.94 18.16
C TRP D 76 -11.70 16.13 18.33
N GLU D 77 -12.32 17.30 18.53
CA GLU D 77 -11.57 18.53 18.72
C GLU D 77 -11.97 19.18 20.05
N VAL D 78 -11.03 19.95 20.59
CA VAL D 78 -11.18 20.68 21.85
C VAL D 78 -10.64 22.08 21.61
N ASP D 79 -11.44 23.09 21.93
CA ASP D 79 -11.08 24.48 21.69
C ASP D 79 -10.78 25.12 23.04
N VAL D 80 -9.52 25.52 23.23
CA VAL D 80 -9.01 26.04 24.49
C VAL D 80 -8.70 27.53 24.37
N GLN D 81 -9.19 28.16 23.31
CA GLN D 81 -8.96 29.59 23.02
C GLN D 81 -9.53 30.49 24.10
N GLU D 82 -10.58 30.04 24.79
CA GLU D 82 -11.21 30.77 25.89
C GLU D 82 -10.78 30.23 27.25
N ALA D 83 -9.80 29.33 27.26
CA ALA D 83 -9.38 28.63 28.47
C ALA D 83 -8.28 29.35 29.23
N GLY D 84 -7.78 30.45 28.71
CA GLY D 84 -6.80 31.24 29.45
C GLY D 84 -5.48 30.52 29.65
N ALA D 85 -4.92 30.69 30.84
CA ALA D 85 -3.52 30.37 31.07
C ALA D 85 -3.27 28.93 31.48
N GLY D 86 -4.29 28.10 31.55
CA GLY D 86 -4.11 26.76 32.09
C GLY D 86 -5.24 25.84 31.71
N TRP D 87 -4.92 24.61 31.33
CA TRP D 87 -5.91 23.60 31.00
C TRP D 87 -5.25 22.25 30.90
N TRP D 88 -6.07 21.20 30.95
CA TRP D 88 -5.67 19.81 30.74
C TRP D 88 -6.69 19.18 29.79
N VAL D 89 -6.23 18.61 28.68
CA VAL D 89 -7.11 18.02 27.68
C VAL D 89 -6.59 16.63 27.36
N GLY D 90 -7.44 15.62 27.53
CA GLY D 90 -7.06 14.26 27.19
C GLY D 90 -8.18 13.25 27.22
N ALA D 91 -7.88 12.09 27.78
CA ALA D 91 -8.83 10.99 27.83
C ALA D 91 -8.56 10.19 29.10
N ALA D 92 -9.52 9.36 29.48
CA ALA D 92 -9.38 8.62 30.73
C ALA D 92 -10.33 7.42 30.73
N TYR D 93 -9.89 6.32 31.34
CA TYR D 93 -10.83 5.26 31.68
C TYR D 93 -11.85 5.77 32.70
N ALA D 94 -13.00 5.09 32.75
CA ALA D 94 -13.99 5.47 33.76
C ALA D 94 -13.49 5.21 35.17
N SER D 95 -12.57 4.27 35.35
CA SER D 95 -12.00 3.98 36.66
C SER D 95 -11.07 5.08 37.20
N LEU D 96 -10.94 6.21 36.51
CA LEU D 96 -10.20 7.33 37.08
C LEU D 96 -10.84 7.74 38.39
N ARG D 97 -10.02 7.83 39.44
CA ARG D 97 -10.54 8.21 40.74
C ARG D 97 -11.21 9.59 40.67
N ARG D 98 -12.34 9.72 41.37
CA ARG D 98 -13.10 10.96 41.37
C ARG D 98 -12.97 11.76 42.66
N ARG D 99 -12.50 11.16 43.74
CA ARG D 99 -12.42 11.84 45.02
C ARG D 99 -10.99 12.28 45.30
N GLY D 100 -10.85 13.51 45.77
CA GLY D 100 -9.57 14.01 46.20
C GLY D 100 -8.76 14.54 45.04
N ALA D 101 -7.58 15.04 45.39
CA ALA D 101 -6.66 15.63 44.42
C ALA D 101 -5.35 14.88 44.37
N SER D 102 -5.36 13.59 44.73
CA SER D 102 -4.16 12.77 44.62
C SER D 102 -3.91 12.41 43.16
N ALA D 103 -2.73 11.84 42.92
CA ALA D 103 -2.38 11.44 41.57
C ALA D 103 -3.37 10.44 40.99
N ALA D 104 -4.05 9.66 41.83
CA ALA D 104 -4.97 8.67 41.31
C ALA D 104 -6.18 9.32 40.63
N ALA D 105 -6.36 10.62 40.84
CA ALA D 105 -7.55 11.33 40.38
C ALA D 105 -7.24 12.43 39.38
N ARG D 106 -6.01 12.96 39.38
CA ARG D 106 -5.63 14.03 38.46
C ARG D 106 -5.47 13.50 37.04
N LEU D 107 -6.06 14.21 36.08
CA LEU D 107 -6.01 13.81 34.68
C LEU D 107 -4.57 13.66 34.24
N GLY D 108 -4.20 12.46 33.79
CA GLY D 108 -2.87 12.22 33.27
C GLY D 108 -1.80 11.90 34.29
N CYS D 109 -2.16 11.76 35.57
CA CYS D 109 -1.14 11.50 36.59
C CYS D 109 -1.21 10.06 37.09
N ASN D 110 -1.69 9.14 36.28
CA ASN D 110 -1.93 7.79 36.74
C ASN D 110 -1.97 6.88 35.52
N ARG D 111 -2.19 5.60 35.77
CA ARG D 111 -2.32 4.59 34.75
C ARG D 111 -3.58 4.77 33.88
N GLN D 112 -4.64 5.25 34.51
CA GLN D 112 -5.94 5.42 33.90
C GLN D 112 -6.19 6.64 32.99
N SER D 113 -5.25 7.56 32.86
CA SER D 113 -5.51 8.74 32.03
C SER D 113 -4.32 9.32 31.27
N TRP D 114 -4.61 10.08 30.23
CA TRP D 114 -3.62 10.72 29.37
C TRP D 114 -4.08 12.14 29.07
N CYS D 115 -3.15 13.10 29.03
CA CYS D 115 -3.56 14.47 28.70
C CYS D 115 -2.37 15.33 28.28
N LEU D 116 -2.70 16.39 27.54
CA LEU D 116 -1.83 17.54 27.34
C LEU D 116 -2.27 18.65 28.30
N LYS D 117 -1.29 19.44 28.71
CA LYS D 117 -1.47 20.48 29.70
C LYS D 117 -0.81 21.80 29.29
N ARG D 118 -1.48 22.90 29.58
CA ARG D 118 -0.87 24.21 29.48
C ARG D 118 -0.73 24.77 30.88
N TYR D 119 0.43 25.31 31.17
CA TYR D 119 0.70 26.00 32.43
C TYR D 119 1.48 27.24 32.04
N ASP D 120 0.86 28.42 32.14
CA ASP D 120 1.48 29.69 31.76
C ASP D 120 1.96 29.53 30.32
N LEU D 121 3.24 29.70 30.08
CA LEU D 121 3.81 29.52 28.76
C LEU D 121 4.21 28.07 28.42
N GLU D 122 4.18 27.15 29.39
CA GLU D 122 4.65 25.78 29.16
C GLU D 122 3.51 24.87 28.68
N TYR D 123 3.88 23.84 27.91
CA TYR D 123 2.98 22.81 27.43
C TYR D 123 3.65 21.44 27.62
N TRP D 124 2.88 20.48 28.15
CA TRP D 124 3.40 19.18 28.54
C TRP D 124 2.43 18.10 28.11
N ALA D 125 2.97 16.90 27.88
CA ALA D 125 2.20 15.67 27.75
C ALA D 125 2.43 14.84 29.00
N PHE D 126 1.34 14.31 29.57
CA PHE D 126 1.36 13.60 30.84
C PHE D 126 0.73 12.22 30.65
N HIS D 127 1.43 11.20 31.11
CA HIS D 127 0.86 9.87 31.30
C HIS D 127 1.67 9.13 32.35
N ASP D 128 1.00 8.65 33.38
CA ASP D 128 1.60 7.93 34.51
C ASP D 128 2.69 8.84 35.05
N GLY D 129 3.88 8.34 35.24
CA GLY D 129 4.92 9.23 35.72
C GLY D 129 5.69 9.88 34.59
N GLN D 130 5.38 9.48 33.38
CA GLN D 130 6.04 9.96 32.19
C GLN D 130 5.57 11.31 31.67
N ARG D 131 6.48 12.26 31.64
CA ARG D 131 6.18 13.57 31.14
C ARG D 131 7.00 13.87 29.90
N SER D 132 6.57 14.84 29.15
CA SER D 132 7.23 15.22 27.92
C SER D 132 6.88 16.67 27.58
N ARG D 133 7.89 17.50 27.44
CA ARG D 133 7.69 18.92 27.19
C ARG D 133 7.48 19.18 25.70
N LEU D 134 6.43 19.92 25.37
CA LEU D 134 6.08 20.22 23.99
C LEU D 134 6.54 21.63 23.62
N ARG D 135 6.75 21.83 22.32
CA ARG D 135 7.28 23.09 21.79
C ARG D 135 6.45 23.51 20.58
N PRO D 136 5.24 24.01 20.80
CA PRO D 136 4.46 24.51 19.67
C PRO D 136 4.97 25.88 19.24
N ARG D 137 4.74 26.17 17.96
CA ARG D 137 5.15 27.45 17.38
C ARG D 137 4.52 28.62 18.11
N ASP D 138 3.24 28.51 18.37
CA ASP D 138 2.46 29.55 19.00
C ASP D 138 1.60 28.94 20.06
N ASP D 139 0.91 29.80 20.77
CA ASP D 139 -0.02 29.36 21.79
C ASP D 139 -1.12 28.54 21.12
N LEU D 140 -1.53 27.48 21.79
CA LEU D 140 -2.55 26.62 21.24
C LEU D 140 -3.95 27.17 21.37
N ASP D 141 -4.66 27.16 20.26
CA ASP D 141 -6.06 27.56 20.20
C ASP D 141 -6.98 26.35 20.11
N ARG D 142 -6.77 25.48 19.12
CA ARG D 142 -7.67 24.36 18.86
C ARG D 142 -6.90 23.07 18.71
N LEU D 143 -7.29 22.05 19.49
CA LEU D 143 -6.60 20.77 19.57
C LEU D 143 -7.40 19.68 18.87
N GLY D 144 -6.72 18.83 18.12
CA GLY D 144 -7.31 17.65 17.52
C GLY D 144 -6.76 16.40 18.22
N VAL D 145 -7.66 15.52 18.61
CA VAL D 145 -7.30 14.34 19.39
C VAL D 145 -7.70 13.11 18.60
N PHE D 146 -6.72 12.26 18.28
CA PHE D 146 -6.99 11.09 17.46
C PHE D 146 -6.74 9.83 18.27
N LEU D 147 -7.76 8.99 18.33
CA LEU D 147 -7.65 7.73 19.04
C LEU D 147 -7.76 6.55 18.09
N ASP D 148 -6.76 5.68 18.13
CA ASP D 148 -6.88 4.38 17.50
C ASP D 148 -6.70 3.34 18.58
N TYR D 149 -7.81 2.83 19.06
CA TYR D 149 -7.78 1.99 20.25
C TYR D 149 -6.96 0.73 20.02
N GLU D 150 -7.22 0.06 18.91
CA GLU D 150 -6.53 -1.18 18.55
C GLU D 150 -5.05 -0.96 18.31
N ALA D 151 -4.72 0.14 17.67
CA ALA D 151 -3.34 0.46 17.41
C ALA D 151 -2.63 0.92 18.68
N GLY D 152 -3.38 1.22 19.72
CA GLY D 152 -2.76 1.79 20.91
C GLY D 152 -2.19 3.18 20.70
N VAL D 153 -2.90 4.03 19.96
CA VAL D 153 -2.41 5.35 19.58
C VAL D 153 -3.35 6.40 20.13
N LEU D 154 -2.80 7.43 20.78
CA LEU D 154 -3.56 8.63 21.14
C LEU D 154 -2.79 9.85 20.66
N ALA D 155 -3.20 10.44 19.53
CA ALA D 155 -2.46 11.50 18.87
C ALA D 155 -3.12 12.86 19.09
N PHE D 156 -2.32 13.87 19.40
CA PHE D 156 -2.80 15.23 19.59
C PHE D 156 -2.24 16.13 18.50
N TYR D 157 -3.10 16.97 17.95
CA TYR D 157 -2.72 17.89 16.89
C TYR D 157 -3.04 19.32 17.28
N ASP D 158 -2.25 20.25 16.73
CA ASP D 158 -2.54 21.69 16.74
C ASP D 158 -3.36 22.00 15.50
N VAL D 159 -4.68 22.11 15.64
CA VAL D 159 -5.54 22.25 14.47
C VAL D 159 -5.27 23.58 13.78
N THR D 160 -5.54 24.68 14.47
CA THR D 160 -5.13 25.96 13.94
C THR D 160 -3.61 25.97 13.89
N GLY D 161 -3.06 26.41 12.78
CA GLY D 161 -1.64 26.20 12.55
C GLY D 161 -1.36 24.94 11.78
N GLY D 162 -2.30 24.49 10.96
CA GLY D 162 -2.03 23.53 9.90
C GLY D 162 -1.91 22.07 10.31
N MET D 163 -2.69 21.63 11.28
CA MET D 163 -2.66 20.23 11.72
C MET D 163 -1.25 19.80 12.11
N SER D 164 -0.58 20.65 12.89
CA SER D 164 0.77 20.31 13.33
C SER D 164 0.71 19.21 14.40
N HIS D 165 1.52 18.17 14.24
CA HIS D 165 1.54 17.10 15.21
C HIS D 165 2.18 17.56 16.52
N LEU D 166 1.46 17.41 17.64
CA LEU D 166 1.96 17.85 18.94
C LEU D 166 2.56 16.72 19.76
N HIS D 167 1.86 15.60 19.90
CA HIS D 167 2.36 14.50 20.71
C HIS D 167 1.55 13.26 20.38
N THR D 168 2.19 12.10 20.53
CA THR D 168 1.51 10.82 20.38
C THR D 168 1.81 9.98 21.61
N PHE D 169 0.77 9.59 22.33
CA PHE D 169 0.91 8.59 23.37
C PHE D 169 0.77 7.21 22.76
N ARG D 170 1.42 6.23 23.39
CA ARG D 170 1.29 4.84 22.99
C ARG D 170 1.02 3.99 24.22
N ALA D 171 0.03 3.11 24.09
CA ALA D 171 -0.43 2.28 25.20
C ALA D 171 -1.16 1.08 24.63
N THR D 172 -1.42 0.10 25.49
CA THR D 172 -2.41 -0.91 25.20
C THR D 172 -3.56 -0.58 26.13
N PHE D 173 -4.72 -0.28 25.58
CA PHE D 173 -5.81 0.21 26.40
C PHE D 173 -6.61 -0.93 27.02
N GLN D 174 -6.59 -0.98 28.33
CA GLN D 174 -7.37 -1.91 29.12
C GLN D 174 -8.88 -1.68 29.09
N GLU D 175 -9.29 -0.42 29.08
CA GLU D 175 -10.68 -0.04 29.26
C GLU D 175 -11.15 0.96 28.22
N PRO D 176 -12.55 1.12 28.13
CA PRO D 176 -12.97 2.15 27.17
C PRO D 176 -12.51 3.54 27.60
N LEU D 177 -12.28 4.43 26.64
CA LEU D 177 -11.75 5.76 26.89
C LEU D 177 -12.81 6.87 26.80
N TYR D 178 -12.83 7.75 27.79
CA TYR D 178 -13.71 8.90 27.80
C TYR D 178 -12.93 10.19 27.57
N PRO D 179 -13.36 11.02 26.63
CA PRO D 179 -12.71 12.32 26.48
C PRO D 179 -12.85 13.03 27.83
N ALA D 180 -11.82 13.77 28.23
CA ALA D 180 -11.65 14.19 29.62
C ALA D 180 -10.99 15.57 29.66
N LEU D 181 -11.43 16.41 30.59
CA LEU D 181 -10.91 17.76 30.70
C LEU D 181 -10.71 18.22 32.14
N ARG D 182 -9.72 19.08 32.32
CA ARG D 182 -9.52 19.85 33.54
C ARG D 182 -9.35 21.32 33.24
N LEU D 183 -10.01 22.17 34.01
CA LEU D 183 -10.03 23.61 33.80
C LEU D 183 -9.24 24.38 34.86
N TRP D 184 -8.47 25.36 34.41
CA TRP D 184 -7.89 26.40 35.27
C TRP D 184 -8.78 27.64 35.42
N GLU D 185 -9.42 28.03 34.33
CA GLU D 185 -10.19 29.26 34.23
C GLU D 185 -10.92 29.26 32.89
N GLY D 186 -11.91 30.13 32.80
CA GLY D 186 -12.57 30.33 31.52
C GLY D 186 -13.38 29.12 31.10
N ALA D 187 -13.36 28.84 29.80
CA ALA D 187 -14.24 27.84 29.20
C ALA D 187 -13.47 27.03 28.17
N ILE D 188 -13.91 25.79 27.99
CA ILE D 188 -13.40 24.90 26.96
C ILE D 188 -14.63 24.33 26.24
N SER D 189 -14.62 24.37 24.91
CA SER D 189 -15.75 23.88 24.13
C SER D 189 -15.32 22.77 23.17
N ILE D 190 -16.29 21.92 22.84
CA ILE D 190 -16.13 20.79 21.92
C ILE D 190 -16.83 21.13 20.60
N PRO D 191 -16.10 21.44 19.54
CA PRO D 191 -16.75 21.78 18.27
C PRO D 191 -17.53 20.60 17.69
N ARG D 192 -18.63 20.91 17.03
CA ARG D 192 -19.44 19.93 16.35
C ARG D 192 -18.66 19.58 15.10
N LEU D 193 -18.36 18.32 14.90
CA LEU D 193 -17.60 17.91 13.73
C LEU D 193 -18.48 17.18 12.72
N PRO D 194 -18.39 17.58 11.46
CA PRO D 194 -19.35 17.24 10.41
C PRO D 194 -19.65 15.74 10.30
S SO4 E . 15.58 4.96 9.60
O1 SO4 E . 15.37 3.80 10.45
O2 SO4 E . 14.56 5.94 9.82
O3 SO4 E . 16.85 5.55 9.94
O4 SO4 E . 15.58 4.53 8.23
S SO4 F . -1.61 4.78 8.57
O1 SO4 F . -0.44 4.93 9.46
O2 SO4 F . -2.24 6.06 8.25
O3 SO4 F . -1.23 4.11 7.34
O4 SO4 F . -2.60 3.93 9.23
S SO4 G . 26.85 12.11 7.48
O1 SO4 G . 27.40 10.77 7.42
O2 SO4 G . 27.48 12.98 8.47
O3 SO4 G . 26.99 12.78 6.23
O4 SO4 G . 25.42 11.98 7.75
S SO4 H . 23.88 7.79 1.52
O1 SO4 H . 23.97 6.45 2.07
O2 SO4 H . 23.19 8.69 2.43
O3 SO4 H . 25.23 8.33 1.31
O4 SO4 H . 23.14 7.71 0.29
S SO4 I . 22.19 -31.14 -31.52
O1 SO4 I . 21.96 -31.29 -32.95
O2 SO4 I . 21.10 -30.44 -30.89
O3 SO4 I . 23.38 -30.35 -31.30
O4 SO4 I . 22.41 -32.48 -30.96
S SO4 J . 22.64 -3.36 -23.16
O1 SO4 J . 21.77 -2.75 -24.11
O2 SO4 J . 21.87 -4.33 -22.44
O3 SO4 J . 23.14 -2.40 -22.20
O4 SO4 J . 23.73 -3.94 -23.88
S SO4 K . 23.58 3.43 -29.01
O1 SO4 K . 24.02 2.14 -29.54
O2 SO4 K . 23.44 3.33 -27.55
O3 SO4 K . 24.65 4.40 -29.31
O4 SO4 K . 22.32 3.84 -29.62
S SO4 L . -0.41 -13.83 8.49
O1 SO4 L . 0.30 -13.68 9.76
O2 SO4 L . -1.58 -12.95 8.55
O3 SO4 L . 0.40 -13.40 7.34
O4 SO4 L . -0.79 -15.23 8.32
S SO4 M . -0.98 18.57 37.76
O1 SO4 M . -1.46 17.32 37.92
O2 SO4 M . -1.79 19.44 38.40
O3 SO4 M . 0.24 18.71 38.41
O4 SO4 M . -0.92 18.93 36.43
S SO4 N . -21.40 31.99 36.59
O1 SO4 N . -21.25 31.55 37.98
O2 SO4 N . -21.69 33.41 36.50
O3 SO4 N . -20.17 31.76 35.85
O4 SO4 N . -22.49 31.22 35.99
S SO4 O . -26.69 27.90 28.62
O1 SO4 O . -26.23 28.43 29.88
O2 SO4 O . -27.67 28.81 28.04
O3 SO4 O . -25.55 27.79 27.75
O4 SO4 O . -27.29 26.62 28.89
S SO4 P . -0.18 13.12 44.77
O1 SO4 P . -0.56 11.85 45.40
O2 SO4 P . -1.11 14.18 45.17
O3 SO4 P . 1.15 13.60 45.11
O4 SO4 P . -0.20 12.96 43.33
#